data_4ADW
#
_entry.id   4ADW
#
_cell.length_a   103.940
_cell.length_b   103.940
_cell.length_c   192.244
_cell.angle_alpha   90.00
_cell.angle_beta   90.00
_cell.angle_gamma   90.00
#
_symmetry.space_group_name_H-M   'P 41'
#
loop_
_entity.id
_entity.type
_entity.pdbx_description
1 polymer 'TRYPANOTHIONE REDUCTASE'
2 non-polymer 'FLAVIN-ADENINE DINUCLEOTIDE'
3 non-polymer 'NADPH DIHYDRO-NICOTINAMIDE-ADENINE-DINUCLEOTIDE PHOSPHATE'
4 non-polymer BIS(GAMMA-GLUTAMYL-CYSTEINYL-GLYCINYL)SPERMIDINE
#
_entity_poly.entity_id   1
_entity_poly.type   'polypeptide(L)'
_entity_poly.pdbx_seq_one_letter_code
;MGSSHHHHHHSSGLVPRGSHMSRAYDLVVLGAGSGGLEAGWNAAVTHKKKVAVVDVQATHGPPLFAALGGTCVNVGCVPK
KLMVTGAQYMDLIRESGGFGWEMDRESLCPNWKTLIAAKNKVVNSINESYKSMFADTEGLSFHMGFGALQDAHTVVVRKS
EDPHSDVLETLDTEYILIATGSWPTRLGVPGDEFCITSNEAFYLEDAPKRMLCVGGGYIAVEFAGIFNGYKPCGGYVDLC
YRGDLILRGFDTEVRKSLTKQLGANGIRVRTNLNPTKITKNEDGSNHVHFNDGTEEDYDQVMLAIGRVPRSQALQLDKAG
VRTGKNGAVQVDAYSKTSVDNIYAIGDVTNRVMLTPVAINEGAAFVETVFGGKPRATDHTKVACAVFSIPPIGTCGMTEE
EAAKNYETVAVYASSFTPLMHNISGSKHKEFMIRIITNESNGEVLGVHMLGDSAPEIIQSVGICMKMGAKISDFHSTIGV
HPTSAEELCSMRTPAYFYESGKRVEKLSSNL
;
_entity_poly.pdbx_strand_id   A,B
#
# COMPACT_ATOMS: atom_id res chain seq x y z
N MET A 21 -49.48 20.38 0.24
CA MET A 21 -48.25 20.65 1.05
C MET A 21 -46.98 20.93 0.20
N SER A 22 -46.93 22.12 -0.40
CA SER A 22 -45.73 22.62 -1.10
C SER A 22 -44.92 23.54 -0.19
N ARG A 23 -43.76 23.06 0.22
CA ARG A 23 -42.91 23.75 1.19
C ARG A 23 -41.69 24.37 0.50
N ALA A 24 -41.04 25.32 1.19
CA ALA A 24 -39.92 26.09 0.61
C ALA A 24 -38.73 25.24 0.14
N TYR A 25 -38.18 24.43 1.06
CA TYR A 25 -37.08 23.53 0.72
C TYR A 25 -37.52 22.07 0.85
N ASP A 26 -37.05 21.24 -0.08
CA ASP A 26 -37.31 19.81 -0.02
C ASP A 26 -36.51 19.19 1.12
N LEU A 27 -35.32 19.72 1.36
CA LEU A 27 -34.44 19.19 2.40
C LEU A 27 -33.71 20.33 3.10
N VAL A 28 -33.54 20.17 4.41
CA VAL A 28 -32.63 21.00 5.18
C VAL A 28 -31.68 20.05 5.90
N VAL A 29 -30.38 20.16 5.60
CA VAL A 29 -29.36 19.35 6.26
C VAL A 29 -28.62 20.17 7.32
N LEU A 30 -28.60 19.67 8.54
CA LEU A 30 -27.86 20.32 9.62
C LEU A 30 -26.46 19.79 9.65
N GLY A 31 -25.50 20.58 9.15
CA GLY A 31 -24.11 20.18 9.13
C GLY A 31 -23.56 19.92 7.75
N ALA A 32 -22.61 20.76 7.35
CA ALA A 32 -21.90 20.58 6.09
C ALA A 32 -20.94 19.41 6.19
N GLY A 33 -21.19 18.54 7.17
CA GLY A 33 -20.34 17.39 7.45
C GLY A 33 -20.17 16.47 6.26
N SER A 34 -19.03 15.78 6.21
CA SER A 34 -18.71 14.90 5.10
C SER A 34 -19.88 14.01 4.73
N GLY A 35 -20.69 13.66 5.73
CA GLY A 35 -21.94 12.94 5.53
C GLY A 35 -23.09 13.84 5.11
N GLY A 36 -23.23 14.98 5.79
CA GLY A 36 -24.26 15.96 5.46
C GLY A 36 -24.13 16.53 4.05
N LEU A 37 -22.95 17.09 3.78
CA LEU A 37 -22.62 17.69 2.49
C LEU A 37 -22.86 16.76 1.31
N GLU A 38 -22.42 15.51 1.42
CA GLU A 38 -22.65 14.48 0.41
C GLU A 38 -24.13 14.32 0.07
N ALA A 39 -24.97 14.20 1.10
CA ALA A 39 -26.39 14.03 0.91
C ALA A 39 -27.02 15.23 0.22
N GLY A 40 -26.72 16.42 0.75
CA GLY A 40 -27.21 17.67 0.19
C GLY A 40 -26.80 17.88 -1.25
N TRP A 41 -25.57 17.54 -1.57
CA TRP A 41 -25.08 17.61 -2.94
C TRP A 41 -25.90 16.69 -3.82
N ASN A 42 -25.93 15.40 -3.48
CA ASN A 42 -26.59 14.37 -4.27
C ASN A 42 -28.03 14.67 -4.67
N ALA A 43 -28.84 15.03 -3.68
CA ALA A 43 -30.26 15.30 -3.87
C ALA A 43 -30.51 16.44 -4.85
N ALA A 44 -29.65 17.45 -4.82
CA ALA A 44 -29.85 18.66 -5.60
C ALA A 44 -29.38 18.52 -7.04
N VAL A 45 -28.42 17.62 -7.27
CA VAL A 45 -27.77 17.50 -8.59
C VAL A 45 -28.35 16.35 -9.41
N THR A 46 -28.43 15.16 -8.83
CA THR A 46 -29.08 14.02 -9.49
C THR A 46 -30.61 14.15 -9.43
N HIS A 47 -31.15 14.39 -8.23
CA HIS A 47 -32.61 14.43 -8.04
C HIS A 47 -33.23 15.84 -8.08
N LYS A 48 -32.38 16.85 -8.21
CA LYS A 48 -32.80 18.24 -8.46
C LYS A 48 -33.76 18.83 -7.42
N LYS A 49 -33.90 18.17 -6.27
CA LYS A 49 -34.65 18.72 -5.14
C LYS A 49 -34.02 20.01 -4.65
N LYS A 50 -34.82 20.89 -4.02
CA LYS A 50 -34.28 22.09 -3.37
C LYS A 50 -33.67 21.72 -2.02
N VAL A 51 -32.38 21.97 -1.87
CA VAL A 51 -31.66 21.62 -0.65
C VAL A 51 -31.05 22.86 -0.01
N ALA A 52 -31.08 22.89 1.32
CA ALA A 52 -30.45 23.95 2.09
C ALA A 52 -29.55 23.32 3.11
N VAL A 53 -28.30 23.75 3.15
CA VAL A 53 -27.31 23.17 4.06
C VAL A 53 -26.87 24.17 5.12
N VAL A 54 -27.05 23.82 6.39
CA VAL A 54 -26.73 24.73 7.48
C VAL A 54 -25.44 24.30 8.15
N ASP A 55 -24.60 25.28 8.51
CA ASP A 55 -23.38 25.00 9.27
C ASP A 55 -22.89 26.23 10.02
N VAL A 56 -21.96 26.01 10.94
CA VAL A 56 -21.48 27.04 11.84
C VAL A 56 -20.78 28.20 11.13
N GLN A 57 -19.78 27.92 10.30
CA GLN A 57 -19.00 29.00 9.66
C GLN A 57 -18.40 28.68 8.28
N ALA A 58 -17.66 29.65 7.73
CA ALA A 58 -17.19 29.66 6.33
C ALA A 58 -16.07 28.68 6.01
N THR A 59 -14.92 28.87 6.68
CA THR A 59 -13.73 28.03 6.53
C THR A 59 -13.29 27.52 7.90
N HIS A 60 -12.26 26.67 7.94
CA HIS A 60 -11.70 26.16 9.20
C HIS A 60 -11.34 27.32 10.12
N GLY A 61 -11.67 27.19 11.41
CA GLY A 61 -11.55 28.33 12.32
C GLY A 61 -11.03 28.08 13.72
N PRO A 62 -10.31 29.08 14.29
CA PRO A 62 -9.94 29.02 15.71
C PRO A 62 -11.10 29.17 16.72
N PRO A 63 -12.05 30.13 16.51
CA PRO A 63 -13.05 30.22 17.57
C PRO A 63 -14.07 29.06 17.52
N LEU A 64 -14.64 28.80 16.33
CA LEU A 64 -15.46 27.62 16.10
C LEU A 64 -14.72 26.77 15.08
N PHE A 65 -14.46 25.51 15.42
CA PHE A 65 -13.44 24.72 14.72
C PHE A 65 -13.90 24.09 13.40
N ALA A 66 -15.04 23.41 13.44
CA ALA A 66 -15.61 22.79 12.25
C ALA A 66 -16.26 23.86 11.39
N ALA A 67 -16.50 23.51 10.13
CA ALA A 67 -17.14 24.41 9.17
C ALA A 67 -17.43 23.64 7.89
N LEU A 68 -17.72 24.38 6.82
CA LEU A 68 -17.98 23.83 5.50
C LEU A 68 -16.95 22.76 5.12
N GLY A 69 -17.39 21.51 5.07
CA GLY A 69 -16.52 20.36 4.79
C GLY A 69 -16.64 19.26 5.82
N GLY A 70 -16.86 19.66 7.07
CA GLY A 70 -17.06 18.72 8.15
C GLY A 70 -15.86 18.55 9.04
N THR A 71 -16.03 17.77 10.11
CA THR A 71 -14.99 17.53 11.10
C THR A 71 -13.73 16.96 10.47
N CYS A 72 -13.90 16.19 9.40
CA CYS A 72 -12.77 15.49 8.78
C CYS A 72 -11.96 16.36 7.81
N VAL A 73 -12.61 17.33 7.19
CA VAL A 73 -11.91 18.23 6.27
C VAL A 73 -11.20 19.34 7.07
N ASN A 74 -11.83 19.78 8.16
CA ASN A 74 -11.36 20.95 8.88
C ASN A 74 -10.49 20.65 10.10
N VAL A 75 -10.92 19.70 10.93
CA VAL A 75 -10.19 19.36 12.16
C VAL A 75 -10.06 17.84 12.33
N GLY A 76 -9.84 17.14 11.22
CA GLY A 76 -9.80 15.68 11.23
C GLY A 76 -8.94 15.06 10.13
N CYS A 77 -9.47 14.01 9.52
CA CYS A 77 -8.73 13.14 8.59
C CYS A 77 -7.84 13.83 7.58
N VAL A 78 -8.26 15.00 7.10
CA VAL A 78 -7.48 15.72 6.09
C VAL A 78 -6.24 16.43 6.67
N PRO A 79 -6.43 17.46 7.55
CA PRO A 79 -5.26 18.14 8.10
C PRO A 79 -4.38 17.21 8.92
N LYS A 80 -4.99 16.38 9.76
CA LYS A 80 -4.31 15.37 10.54
C LYS A 80 -3.35 14.57 9.66
N LYS A 81 -3.87 14.04 8.56
CA LYS A 81 -3.09 13.21 7.66
C LYS A 81 -1.79 13.87 7.25
N LEU A 82 -1.86 15.14 6.87
CA LEU A 82 -0.69 15.90 6.46
C LEU A 82 0.34 16.00 7.57
N MET A 83 -0.13 16.12 8.80
CA MET A 83 0.75 16.26 9.93
C MET A 83 1.43 14.94 10.27
N VAL A 84 0.73 13.83 10.04
CA VAL A 84 1.31 12.51 10.24
C VAL A 84 2.38 12.23 9.18
N THR A 85 2.15 12.74 7.97
CA THR A 85 3.12 12.57 6.89
C THR A 85 4.37 13.37 7.19
N GLY A 86 4.17 14.56 7.74
CA GLY A 86 5.27 15.45 8.09
C GLY A 86 6.13 14.89 9.20
N ALA A 87 5.49 14.35 10.22
CA ALA A 87 6.18 13.74 11.36
C ALA A 87 6.88 12.46 10.97
N GLN A 88 6.28 11.73 10.03
CA GLN A 88 6.83 10.47 9.55
C GLN A 88 8.19 10.68 8.91
N TYR A 89 8.41 11.88 8.38
CA TYR A 89 9.66 12.22 7.72
C TYR A 89 10.87 12.11 8.65
N MET A 90 10.64 12.28 9.96
CA MET A 90 11.71 12.20 10.95
C MET A 90 12.49 10.91 10.81
N ASP A 91 11.76 9.80 10.83
CA ASP A 91 12.34 8.48 10.71
C ASP A 91 13.02 8.31 9.35
N LEU A 92 12.30 8.65 8.29
CA LEU A 92 12.81 8.54 6.93
C LEU A 92 14.18 9.19 6.75
N ILE A 93 14.38 10.34 7.37
CA ILE A 93 15.62 11.08 7.27
C ILE A 93 16.79 10.32 7.95
N ARG A 94 16.61 10.01 9.24
CA ARG A 94 17.62 9.25 9.98
C ARG A 94 17.91 7.95 9.24
N GLU A 95 16.85 7.27 8.82
CA GLU A 95 16.95 6.00 8.08
C GLU A 95 17.81 6.07 6.84
N SER A 96 17.58 7.11 6.02
CA SER A 96 18.30 7.26 4.75
C SER A 96 19.80 7.27 4.95
N GLY A 97 20.22 7.70 6.14
CA GLY A 97 21.63 7.70 6.53
C GLY A 97 22.31 6.36 6.29
N GLY A 98 21.60 5.29 6.59
CA GLY A 98 22.11 3.94 6.38
C GLY A 98 22.22 3.53 4.92
N PHE A 99 21.57 4.27 4.04
CA PHE A 99 21.60 3.96 2.61
C PHE A 99 22.65 4.76 1.86
N GLY A 100 23.45 5.49 2.60
CA GLY A 100 24.54 6.27 2.03
C GLY A 100 24.18 7.73 1.88
N TRP A 101 23.01 8.10 2.41
CA TRP A 101 22.59 9.50 2.38
C TRP A 101 23.21 10.26 3.54
N GLU A 102 24.46 10.65 3.36
CA GLU A 102 25.16 11.39 4.41
C GLU A 102 24.94 12.88 4.28
N MET A 103 24.99 13.56 5.42
CA MET A 103 24.71 14.96 5.55
C MET A 103 25.03 15.36 6.99
N ASP A 104 24.85 16.64 7.31
CA ASP A 104 24.91 17.08 8.70
C ASP A 104 23.64 16.62 9.40
N ARG A 105 23.74 15.54 10.17
CA ARG A 105 22.63 15.01 10.95
C ARG A 105 22.24 15.95 12.11
N GLU A 106 22.73 17.19 12.03
CA GLU A 106 22.29 18.26 12.91
C GLU A 106 22.19 19.61 12.21
N SER A 107 22.15 19.59 10.88
CA SER A 107 21.57 20.70 10.12
C SER A 107 20.08 20.65 10.35
N LEU A 108 19.63 19.45 10.71
CA LEU A 108 18.23 19.07 10.78
C LEU A 108 17.49 19.66 11.97
N CYS A 109 16.42 20.39 11.68
CA CYS A 109 15.43 20.76 12.70
C CYS A 109 14.06 20.88 12.04
N PRO A 110 13.01 20.42 12.76
CA PRO A 110 11.64 20.51 12.25
C PRO A 110 10.97 21.83 12.61
N ASN A 111 10.46 22.53 11.61
CA ASN A 111 9.83 23.83 11.82
C ASN A 111 8.32 23.71 11.85
N TRP A 112 7.79 23.55 13.06
CA TRP A 112 6.36 23.38 13.28
C TRP A 112 5.57 24.51 12.64
N LYS A 113 6.20 25.67 12.58
CA LYS A 113 5.58 26.85 12.03
C LYS A 113 5.28 26.65 10.54
N THR A 114 6.30 26.35 9.74
CA THR A 114 6.11 26.15 8.30
C THR A 114 5.13 25.03 8.00
N LEU A 115 4.95 24.11 8.96
CA LEU A 115 3.99 23.02 8.83
C LEU A 115 2.57 23.55 8.92
N ILE A 116 2.19 24.07 10.08
CA ILE A 116 0.84 24.62 10.27
C ILE A 116 0.53 25.62 9.17
N ALA A 117 1.51 26.47 8.84
CA ALA A 117 1.39 27.45 7.77
C ALA A 117 1.00 26.80 6.45
N ALA A 118 1.73 25.77 6.06
CA ALA A 118 1.45 25.05 4.82
C ALA A 118 0.20 24.16 4.92
N LYS A 119 -0.10 23.69 6.14
CA LYS A 119 -1.35 22.96 6.42
C LYS A 119 -2.57 23.86 6.22
N ASN A 120 -2.50 25.07 6.77
CA ASN A 120 -3.59 26.05 6.66
C ASN A 120 -3.85 26.47 5.22
N LYS A 121 -2.78 26.63 4.44
CA LYS A 121 -2.85 27.03 3.04
C LYS A 121 -3.62 26.01 2.21
N VAL A 122 -3.58 24.75 2.67
CA VAL A 122 -4.24 23.64 1.98
C VAL A 122 -5.70 23.49 2.38
N VAL A 123 -5.98 23.37 3.66
CA VAL A 123 -7.36 23.27 4.12
C VAL A 123 -8.14 24.43 3.52
N ASN A 124 -7.55 25.61 3.58
CA ASN A 124 -8.19 26.83 3.09
C ASN A 124 -8.69 26.71 1.67
N SER A 125 -7.90 26.07 0.81
CA SER A 125 -8.28 25.93 -0.59
C SER A 125 -9.42 24.92 -0.77
N ILE A 126 -9.58 23.98 0.16
CA ILE A 126 -10.70 23.03 0.09
C ILE A 126 -11.97 23.78 0.46
N ASN A 127 -11.86 24.62 1.48
CA ASN A 127 -12.94 25.49 1.90
C ASN A 127 -13.36 26.47 0.80
N GLU A 128 -12.37 26.85 0.00
CA GLU A 128 -12.57 27.76 -1.13
C GLU A 128 -13.01 26.99 -2.36
N SER A 129 -12.86 25.66 -2.30
CA SER A 129 -13.37 24.76 -3.30
C SER A 129 -14.89 24.63 -3.14
N TYR A 130 -15.35 24.58 -1.89
CA TYR A 130 -16.75 24.40 -1.56
C TYR A 130 -17.59 25.64 -1.81
N LYS A 131 -17.08 26.78 -1.36
CA LYS A 131 -17.74 28.07 -1.54
C LYS A 131 -18.20 28.19 -2.98
N SER A 132 -17.27 27.97 -3.91
CA SER A 132 -17.58 28.04 -5.33
C SER A 132 -18.50 26.91 -5.81
N MET A 133 -18.45 25.75 -5.16
CA MET A 133 -19.40 24.68 -5.49
C MET A 133 -20.83 25.17 -5.30
N PHE A 134 -21.08 25.88 -4.20
CA PHE A 134 -22.42 26.34 -3.87
C PHE A 134 -22.96 27.37 -4.83
N ALA A 135 -22.09 28.26 -5.28
CA ALA A 135 -22.47 29.28 -6.26
C ALA A 135 -22.52 28.72 -7.68
N ASP A 136 -21.98 27.53 -7.87
CA ASP A 136 -22.05 26.87 -9.19
C ASP A 136 -23.25 25.93 -9.32
N THR A 137 -23.80 25.49 -8.18
CA THR A 137 -24.84 24.45 -8.14
C THR A 137 -26.25 25.01 -7.89
N GLU A 138 -27.15 24.72 -8.83
CA GLU A 138 -28.56 25.15 -8.74
C GLU A 138 -29.36 24.18 -7.87
N GLY A 139 -29.96 24.69 -6.81
CA GLY A 139 -30.69 23.84 -5.88
C GLY A 139 -30.01 23.77 -4.53
N LEU A 140 -28.72 24.09 -4.51
CA LEU A 140 -27.95 24.11 -3.26
C LEU A 140 -27.75 25.51 -2.70
N SER A 141 -27.99 25.65 -1.40
CA SER A 141 -27.79 26.91 -0.70
C SER A 141 -27.19 26.69 0.68
N PHE A 142 -26.15 27.46 1.00
CA PHE A 142 -25.50 27.36 2.29
C PHE A 142 -26.02 28.44 3.21
N HIS A 143 -26.52 28.03 4.37
CA HIS A 143 -27.04 28.95 5.35
C HIS A 143 -26.23 28.84 6.63
N MET A 144 -25.72 29.97 7.10
CA MET A 144 -24.72 29.97 8.16
C MET A 144 -25.27 30.44 9.50
N GLY A 145 -25.28 29.52 10.46
CA GLY A 145 -25.76 29.80 11.83
C GLY A 145 -25.66 28.61 12.76
N PHE A 146 -26.64 28.48 13.65
CA PHE A 146 -26.76 27.33 14.55
C PHE A 146 -28.15 26.72 14.46
N GLY A 147 -28.27 25.64 13.69
CA GLY A 147 -29.53 24.94 13.49
C GLY A 147 -30.17 24.40 14.75
N ALA A 148 -31.50 24.54 14.82
CA ALA A 148 -32.31 24.04 15.92
C ALA A 148 -33.68 23.62 15.38
N LEU A 149 -34.35 22.69 16.08
CA LEU A 149 -35.66 22.22 15.63
C LEU A 149 -36.82 22.92 16.33
N GLN A 150 -37.74 23.44 15.53
CA GLN A 150 -38.97 24.08 16.02
C GLN A 150 -40.09 23.07 16.03
N ASP A 151 -40.17 22.30 14.93
CA ASP A 151 -41.07 21.16 14.81
C ASP A 151 -40.58 20.31 13.63
N ALA A 152 -41.41 19.37 13.19
CA ALA A 152 -41.03 18.41 12.14
C ALA A 152 -40.76 19.02 10.75
N HIS A 153 -41.16 20.27 10.55
CA HIS A 153 -41.07 20.87 9.23
C HIS A 153 -40.34 22.19 9.23
N THR A 154 -40.10 22.74 10.41
CA THR A 154 -39.50 24.08 10.54
C THR A 154 -38.17 24.07 11.28
N VAL A 155 -37.11 24.46 10.58
CA VAL A 155 -35.77 24.58 11.16
C VAL A 155 -35.45 26.05 11.39
N VAL A 156 -35.06 26.36 12.63
CA VAL A 156 -34.67 27.71 12.99
C VAL A 156 -33.17 27.84 12.85
N VAL A 157 -32.70 28.99 12.37
CA VAL A 157 -31.28 29.27 12.33
C VAL A 157 -30.96 30.40 13.31
N ARG A 158 -30.08 30.13 14.27
CA ARG A 158 -29.70 31.11 15.29
C ARG A 158 -28.25 31.53 15.11
N LYS A 159 -27.89 32.72 15.56
CA LYS A 159 -26.50 33.16 15.49
C LYS A 159 -25.67 32.70 16.71
N SER A 160 -26.35 32.12 17.70
CA SER A 160 -25.69 31.56 18.87
C SER A 160 -26.18 30.14 19.13
N GLU A 161 -25.36 29.36 19.82
CA GLU A 161 -25.74 28.03 20.31
C GLU A 161 -26.75 28.22 21.47
N ASP A 162 -26.64 29.38 22.12
CA ASP A 162 -27.59 29.87 23.11
C ASP A 162 -28.98 30.09 22.46
N PRO A 163 -30.01 29.39 22.98
CA PRO A 163 -31.38 29.46 22.43
C PRO A 163 -31.98 30.87 22.45
N HIS A 164 -31.55 31.68 23.42
CA HIS A 164 -32.02 33.05 23.55
C HIS A 164 -31.43 34.00 22.48
N SER A 165 -30.65 33.46 21.54
CA SER A 165 -30.03 34.32 20.51
C SER A 165 -31.00 34.74 19.41
N ASP A 166 -30.48 35.44 18.40
CA ASP A 166 -31.32 36.03 17.36
C ASP A 166 -31.80 35.05 16.29
N VAL A 167 -33.07 35.18 15.95
CA VAL A 167 -33.69 34.41 14.89
C VAL A 167 -33.16 34.93 13.57
N LEU A 168 -32.18 34.25 12.99
CA LEU A 168 -31.52 34.72 11.78
C LEU A 168 -32.23 34.30 10.50
N GLU A 169 -32.64 33.03 10.43
CA GLU A 169 -33.44 32.50 9.32
C GLU A 169 -34.47 31.51 9.87
N THR A 170 -35.52 31.27 9.10
CA THR A 170 -36.51 30.25 9.46
C THR A 170 -36.93 29.49 8.21
N LEU A 171 -36.53 28.22 8.14
CA LEU A 171 -36.61 27.45 6.89
C LEU A 171 -37.68 26.38 6.94
N ASP A 172 -38.63 26.48 6.03
CA ASP A 172 -39.75 25.55 5.93
C ASP A 172 -39.37 24.40 4.98
N THR A 173 -39.45 23.16 5.44
CA THR A 173 -38.95 22.03 4.66
C THR A 173 -39.71 20.71 4.79
N GLU A 174 -39.69 19.92 3.71
CA GLU A 174 -40.26 18.57 3.70
C GLU A 174 -39.45 17.59 4.54
N TYR A 175 -38.12 17.69 4.47
CA TYR A 175 -37.24 16.78 5.18
C TYR A 175 -36.15 17.51 5.95
N ILE A 176 -35.70 16.87 7.05
CA ILE A 176 -34.64 17.39 7.90
C ILE A 176 -33.64 16.27 8.13
N LEU A 177 -32.36 16.53 7.85
CA LEU A 177 -31.29 15.55 8.06
C LEU A 177 -30.18 16.08 8.97
N ILE A 178 -30.06 15.49 10.15
CA ILE A 178 -29.04 15.91 11.13
C ILE A 178 -27.70 15.24 10.81
N ALA A 179 -26.68 16.05 10.59
CA ALA A 179 -25.33 15.57 10.31
C ALA A 179 -24.33 16.44 11.05
N THR A 180 -24.62 16.69 12.33
CA THR A 180 -23.78 17.53 13.16
C THR A 180 -22.62 16.75 13.79
N GLY A 181 -22.71 15.42 13.71
CA GLY A 181 -21.61 14.54 14.11
C GLY A 181 -21.31 14.50 15.60
N SER A 182 -20.04 14.74 15.93
CA SER A 182 -19.55 14.58 17.30
C SER A 182 -18.69 15.74 17.79
N TRP A 183 -18.23 15.64 19.03
CA TRP A 183 -17.57 16.74 19.75
C TRP A 183 -16.77 16.17 20.94
N PRO A 184 -15.52 16.66 21.16
CA PRO A 184 -14.64 16.14 22.21
C PRO A 184 -15.35 15.84 23.53
N THR A 185 -15.02 14.70 24.13
CA THR A 185 -15.45 14.39 25.49
C THR A 185 -14.37 14.88 26.45
N ARG A 186 -14.64 15.97 27.16
CA ARG A 186 -13.73 16.42 28.20
C ARG A 186 -13.97 15.63 29.49
N LEU A 187 -12.96 15.51 30.33
CA LEU A 187 -13.12 14.83 31.61
C LEU A 187 -13.25 15.83 32.75
N GLY A 188 -14.27 15.63 33.59
CA GLY A 188 -14.54 16.54 34.69
C GLY A 188 -13.57 16.38 35.85
N VAL A 189 -12.49 17.16 35.82
CA VAL A 189 -11.54 17.24 36.94
C VAL A 189 -11.06 18.68 37.13
N PRO A 190 -10.64 19.02 38.37
CA PRO A 190 -9.90 20.26 38.60
C PRO A 190 -8.80 20.48 37.55
N GLY A 191 -8.90 21.60 36.84
CA GLY A 191 -7.93 21.97 35.82
C GLY A 191 -8.27 21.50 34.42
N ASP A 192 -9.43 20.86 34.27
CA ASP A 192 -9.89 20.36 32.97
C ASP A 192 -9.81 21.41 31.85
N GLU A 193 -10.15 22.64 32.22
CA GLU A 193 -10.12 23.78 31.31
C GLU A 193 -8.70 24.24 30.93
N PHE A 194 -7.68 23.71 31.61
CA PHE A 194 -6.28 24.03 31.30
C PHE A 194 -5.75 23.24 30.11
N CYS A 195 -6.47 22.19 29.74
CA CYS A 195 -6.06 21.27 28.67
C CYS A 195 -6.41 21.76 27.27
N ILE A 196 -5.96 21.00 26.28
CA ILE A 196 -6.36 21.20 24.89
C ILE A 196 -7.00 19.91 24.37
N THR A 197 -7.63 19.99 23.20
CA THR A 197 -8.19 18.82 22.54
C THR A 197 -7.61 18.73 21.14
N SER A 198 -8.01 17.69 20.41
CA SER A 198 -7.64 17.55 19.01
C SER A 198 -7.90 18.82 18.21
N ASN A 199 -8.93 19.56 18.60
CA ASN A 199 -9.29 20.80 17.93
C ASN A 199 -8.20 21.88 18.05
N GLU A 200 -7.82 22.23 19.28
CA GLU A 200 -6.81 23.27 19.52
C GLU A 200 -5.42 22.78 19.20
N ALA A 201 -5.27 21.46 19.14
CA ALA A 201 -4.03 20.84 18.74
C ALA A 201 -3.57 21.40 17.42
N PHE A 202 -4.50 21.43 16.45
CA PHE A 202 -4.22 21.90 15.09
C PHE A 202 -3.80 23.35 14.97
N TYR A 203 -4.07 24.15 16.00
CA TYR A 203 -3.79 25.58 15.93
C TYR A 203 -2.82 26.04 17.03
N LEU A 204 -2.02 25.09 17.52
CA LEU A 204 -0.93 25.42 18.45
C LEU A 204 0.10 26.26 17.72
N GLU A 205 0.33 27.46 18.23
CA GLU A 205 1.29 28.41 17.68
C GLU A 205 2.71 27.83 17.57
N ASP A 206 3.11 27.08 18.59
CA ASP A 206 4.45 26.49 18.66
C ASP A 206 4.47 25.03 19.08
N ALA A 207 5.50 24.32 18.63
CA ALA A 207 5.68 22.89 18.89
C ALA A 207 6.02 22.62 20.35
N PRO A 208 5.19 21.82 21.04
CA PRO A 208 5.41 21.47 22.45
C PRO A 208 6.77 20.77 22.74
N LYS A 209 7.46 21.23 23.78
CA LYS A 209 8.66 20.56 24.25
C LYS A 209 8.22 19.35 25.06
N ARG A 210 7.65 19.58 26.23
CA ARG A 210 7.22 18.50 27.11
C ARG A 210 5.73 18.28 26.95
N MET A 211 5.38 17.11 26.39
CA MET A 211 4.02 16.86 25.91
C MET A 211 3.36 15.65 26.55
N LEU A 212 2.11 15.81 26.98
CA LEU A 212 1.31 14.69 27.47
C LEU A 212 0.01 14.52 26.70
N CYS A 213 -0.12 13.38 26.03
CA CYS A 213 -1.38 12.99 25.39
C CYS A 213 -2.10 12.07 26.34
N VAL A 214 -3.39 12.31 26.54
CA VAL A 214 -4.15 11.55 27.52
C VAL A 214 -5.24 10.71 26.86
N GLY A 215 -5.29 9.43 27.23
CA GLY A 215 -6.23 8.48 26.65
C GLY A 215 -5.55 7.40 25.83
N GLY A 216 -6.34 6.61 25.12
CA GLY A 216 -5.78 5.52 24.32
C GLY A 216 -6.62 5.18 23.12
N GLY A 217 -7.06 6.22 22.41
CA GLY A 217 -7.88 6.05 21.21
C GLY A 217 -7.15 6.46 19.94
N TYR A 218 -7.70 6.07 18.78
CA TYR A 218 -7.18 6.43 17.46
C TYR A 218 -6.40 7.74 17.52
N ILE A 219 -7.12 8.78 17.93
CA ILE A 219 -6.65 10.16 17.98
C ILE A 219 -5.53 10.39 19.01
N ALA A 220 -5.66 9.81 20.19
CA ALA A 220 -4.62 9.91 21.20
C ALA A 220 -3.29 9.46 20.62
N VAL A 221 -3.32 8.34 19.90
CA VAL A 221 -2.12 7.68 19.41
C VAL A 221 -1.58 8.34 18.14
N GLU A 222 -2.49 8.68 17.24
CA GLU A 222 -2.08 9.34 16.01
C GLU A 222 -1.31 10.60 16.37
N PHE A 223 -1.89 11.38 17.29
CA PHE A 223 -1.33 12.66 17.70
C PHE A 223 -0.05 12.54 18.48
N ALA A 224 -0.01 11.56 19.39
CA ALA A 224 1.21 11.24 20.09
C ALA A 224 2.32 11.15 19.06
N GLY A 225 2.07 10.38 18.00
CA GLY A 225 3.01 10.25 16.89
C GLY A 225 3.45 11.58 16.28
N ILE A 226 2.52 12.52 16.14
CA ILE A 226 2.79 13.80 15.49
C ILE A 226 3.71 14.69 16.32
N PHE A 227 3.39 14.83 17.60
CA PHE A 227 4.21 15.64 18.50
C PHE A 227 5.59 15.07 18.67
N ASN A 228 5.68 13.74 18.66
CA ASN A 228 6.94 13.02 18.70
C ASN A 228 7.83 13.33 17.51
N GLY A 229 7.22 13.74 16.41
CA GLY A 229 7.97 14.08 15.21
C GLY A 229 8.45 15.51 15.24
N TYR A 230 7.57 16.41 15.64
CA TYR A 230 7.85 17.85 15.60
C TYR A 230 8.32 18.45 16.94
N LYS A 231 8.72 17.59 17.87
CA LYS A 231 9.33 18.04 19.11
C LYS A 231 10.71 18.67 18.85
N PRO A 232 11.08 19.69 19.64
CA PRO A 232 12.40 20.31 19.50
C PRO A 232 13.42 19.55 20.35
N CYS A 233 14.60 20.13 20.59
CA CYS A 233 15.61 19.45 21.40
C CYS A 233 15.14 19.20 22.83
N GLY A 234 15.52 18.05 23.37
CA GLY A 234 15.16 17.66 24.73
C GLY A 234 13.69 17.35 24.96
N GLY A 235 12.85 17.64 23.96
CA GLY A 235 11.42 17.36 24.04
C GLY A 235 11.08 15.88 24.12
N TYR A 236 9.94 15.57 24.71
CA TYR A 236 9.45 14.20 24.85
C TYR A 236 7.93 14.14 24.82
N VAL A 237 7.39 12.94 24.61
CA VAL A 237 5.94 12.78 24.54
C VAL A 237 5.50 11.57 25.38
N ASP A 238 4.87 11.84 26.51
CA ASP A 238 4.28 10.78 27.32
C ASP A 238 2.88 10.51 26.79
N LEU A 239 2.42 9.27 26.95
CA LEU A 239 1.04 8.94 26.66
C LEU A 239 0.51 8.12 27.81
N CYS A 240 -0.48 8.65 28.51
CA CYS A 240 -1.05 7.95 29.65
C CYS A 240 -2.45 7.40 29.37
N TYR A 241 -2.74 6.26 29.95
CA TYR A 241 -4.00 5.60 29.70
C TYR A 241 -4.58 5.01 30.98
N ARG A 242 -5.89 5.19 31.15
CA ARG A 242 -6.60 4.60 32.29
C ARG A 242 -6.36 3.10 32.38
N GLY A 243 -6.65 2.38 31.29
CA GLY A 243 -6.54 0.90 31.23
C GLY A 243 -5.12 0.39 31.06
N ASP A 244 -4.96 -0.92 30.97
CA ASP A 244 -3.62 -1.54 30.98
C ASP A 244 -3.02 -1.86 29.60
N LEU A 245 -3.85 -1.75 28.55
CA LEU A 245 -3.41 -1.96 27.16
C LEU A 245 -4.14 -1.00 26.23
N ILE A 246 -3.38 -0.28 25.39
CA ILE A 246 -3.94 0.78 24.54
C ILE A 246 -4.80 0.30 23.39
N LEU A 247 -5.67 1.19 22.90
CA LEU A 247 -6.51 0.92 21.76
C LEU A 247 -7.36 -0.33 21.95
N ARG A 248 -8.34 -0.25 22.84
CA ARG A 248 -9.24 -1.37 23.05
C ARG A 248 -10.13 -1.54 21.84
N GLY A 249 -10.12 -2.73 21.25
CA GLY A 249 -10.98 -3.03 20.11
C GLY A 249 -10.26 -3.61 18.91
N PHE A 250 -8.93 -3.58 18.95
CA PHE A 250 -8.12 -4.09 17.84
C PHE A 250 -7.49 -5.40 18.23
N ASP A 251 -6.88 -6.09 17.27
CA ASP A 251 -6.21 -7.34 17.55
C ASP A 251 -5.21 -7.16 18.67
N THR A 252 -5.45 -7.88 19.76
CA THR A 252 -4.70 -7.74 21.00
C THR A 252 -3.22 -8.14 20.88
N GLU A 253 -2.82 -8.58 19.70
CA GLU A 253 -1.43 -8.85 19.41
C GLU A 253 -0.83 -7.70 18.62
N VAL A 254 -1.70 -6.99 17.91
CA VAL A 254 -1.34 -5.77 17.19
C VAL A 254 -1.21 -4.62 18.19
N ARG A 255 -2.12 -4.59 19.17
CA ARG A 255 -2.09 -3.60 20.22
C ARG A 255 -0.77 -3.65 21.00
N LYS A 256 -0.37 -4.85 21.40
CA LYS A 256 0.85 -5.07 22.15
C LYS A 256 2.10 -4.64 21.38
N SER A 257 2.12 -4.99 20.08
CA SER A 257 3.27 -4.74 19.21
C SER A 257 3.45 -3.28 18.81
N LEU A 258 2.37 -2.51 18.85
CA LEU A 258 2.43 -1.07 18.60
C LEU A 258 3.08 -0.38 19.78
N THR A 259 2.62 -0.76 20.97
CA THR A 259 3.17 -0.27 22.22
C THR A 259 4.70 -0.36 22.23
N LYS A 260 5.22 -1.52 21.86
CA LYS A 260 6.67 -1.72 21.77
C LYS A 260 7.29 -0.72 20.80
N GLN A 261 6.67 -0.60 19.62
CA GLN A 261 7.21 0.20 18.52
C GLN A 261 7.08 1.71 18.77
N LEU A 262 6.07 2.11 19.54
CA LEU A 262 5.95 3.49 19.94
C LEU A 262 7.01 3.81 20.98
N GLY A 263 7.22 2.88 21.91
CA GLY A 263 8.27 3.01 22.92
C GLY A 263 9.61 3.17 22.24
N ALA A 264 9.88 2.27 21.28
CA ALA A 264 11.11 2.29 20.50
C ALA A 264 11.27 3.53 19.59
N ASN A 265 10.16 4.22 19.32
CA ASN A 265 10.20 5.47 18.54
C ASN A 265 10.42 6.72 19.40
N GLY A 266 10.27 6.57 20.71
CA GLY A 266 10.47 7.66 21.66
C GLY A 266 9.27 8.02 22.51
N ILE A 267 8.11 7.46 22.19
CA ILE A 267 6.89 7.77 22.92
C ILE A 267 6.80 6.93 24.19
N ARG A 268 6.97 7.61 25.33
CA ARG A 268 6.91 6.95 26.61
C ARG A 268 5.47 6.67 26.97
N VAL A 269 5.08 5.41 26.87
CA VAL A 269 3.74 4.98 27.22
C VAL A 269 3.62 4.84 28.73
N ARG A 270 2.43 5.07 29.25
CA ARG A 270 2.14 4.85 30.66
C ARG A 270 0.73 4.29 30.81
N THR A 271 0.62 3.06 31.27
CA THR A 271 -0.69 2.44 31.45
C THR A 271 -1.14 2.57 32.91
N ASN A 272 -2.44 2.33 33.13
CA ASN A 272 -3.06 2.45 34.45
C ASN A 272 -2.66 3.73 35.18
N LEU A 273 -2.77 4.84 34.47
CA LEU A 273 -2.38 6.16 34.99
C LEU A 273 -3.33 7.21 34.44
N ASN A 274 -3.85 8.03 35.34
CA ASN A 274 -4.89 8.97 34.97
C ASN A 274 -4.88 10.18 35.89
N PRO A 275 -4.72 11.38 35.31
CA PRO A 275 -4.62 12.60 36.11
C PRO A 275 -5.87 12.92 36.95
N THR A 276 -5.67 13.69 38.02
CA THR A 276 -6.74 14.18 38.88
C THR A 276 -6.82 15.69 38.85
N LYS A 277 -5.65 16.35 38.89
CA LYS A 277 -5.57 17.80 39.06
C LYS A 277 -4.57 18.44 38.09
N ILE A 278 -4.95 19.58 37.52
CA ILE A 278 -4.07 20.36 36.65
C ILE A 278 -4.08 21.85 37.06
N THR A 279 -2.89 22.44 37.17
CA THR A 279 -2.73 23.82 37.61
C THR A 279 -1.59 24.52 36.89
N LYS A 280 -1.75 25.81 36.63
CA LYS A 280 -0.75 26.55 35.84
C LYS A 280 0.36 27.13 36.68
N ASN A 281 1.56 27.23 36.09
CA ASN A 281 2.74 27.71 36.78
C ASN A 281 3.09 29.14 36.39
N GLU A 282 4.14 29.67 37.02
CA GLU A 282 4.61 31.05 36.80
C GLU A 282 5.24 31.24 35.41
N ASP A 283 5.60 30.13 34.77
CA ASP A 283 6.12 30.15 33.40
C ASP A 283 4.99 29.99 32.36
N GLY A 284 3.82 29.55 32.82
CA GLY A 284 2.67 29.36 31.93
C GLY A 284 2.50 27.94 31.45
N SER A 285 3.40 27.04 31.81
CA SER A 285 3.25 25.62 31.54
C SER A 285 2.20 25.03 32.48
N ASN A 286 1.78 23.81 32.21
CA ASN A 286 0.74 23.18 33.02
C ASN A 286 1.26 22.03 33.88
N HIS A 287 0.88 22.02 35.15
CA HIS A 287 1.37 21.04 36.13
C HIS A 287 0.29 19.96 36.36
N VAL A 288 0.72 18.69 36.37
CA VAL A 288 -0.21 17.56 36.37
C VAL A 288 -0.06 16.61 37.55
N HIS A 289 -1.16 16.43 38.27
CA HIS A 289 -1.26 15.45 39.37
C HIS A 289 -1.91 14.16 38.86
N PHE A 290 -1.32 13.03 39.22
CA PHE A 290 -1.70 11.73 38.67
C PHE A 290 -2.59 10.83 39.56
N ASN A 291 -2.91 9.65 39.02
CA ASN A 291 -3.69 8.63 39.70
C ASN A 291 -2.86 7.93 40.76
N ASP A 292 -1.59 7.65 40.44
CA ASP A 292 -0.64 7.08 41.38
C ASP A 292 -0.19 8.14 42.40
N GLY A 293 -0.59 9.38 42.14
CA GLY A 293 -0.34 10.50 43.05
C GLY A 293 0.99 11.21 42.83
N THR A 294 1.50 11.17 41.60
CA THR A 294 2.75 11.85 41.27
C THR A 294 2.53 13.08 40.41
N GLU A 295 3.57 13.89 40.28
CA GLU A 295 3.47 15.17 39.60
C GLU A 295 4.53 15.35 38.51
N GLU A 296 4.09 15.79 37.34
CA GLU A 296 5.00 16.12 36.25
C GLU A 296 4.60 17.42 35.56
N ASP A 297 5.60 18.07 34.93
CA ASP A 297 5.38 19.34 34.23
C ASP A 297 5.51 19.23 32.72
N TYR A 298 4.42 19.61 32.04
CA TYR A 298 4.33 19.59 30.58
C TYR A 298 3.98 20.98 30.06
N ASP A 299 4.59 21.33 28.91
CA ASP A 299 4.24 22.54 28.18
C ASP A 299 2.78 22.52 27.77
N GLN A 300 2.27 21.33 27.46
CA GLN A 300 0.91 21.18 26.96
C GLN A 300 0.34 19.81 27.31
N VAL A 301 -0.99 19.73 27.38
CA VAL A 301 -1.67 18.47 27.69
C VAL A 301 -2.99 18.33 26.91
N MET A 302 -3.06 17.29 26.08
CA MET A 302 -4.19 17.07 25.15
C MET A 302 -5.11 15.95 25.58
N LEU A 303 -6.42 16.23 25.57
CA LEU A 303 -7.42 15.23 25.93
C LEU A 303 -7.99 14.48 24.72
N ALA A 304 -7.81 13.16 24.71
CA ALA A 304 -8.35 12.32 23.65
C ALA A 304 -9.18 11.21 24.28
N ILE A 305 -10.22 11.63 24.99
CA ILE A 305 -11.08 10.75 25.77
C ILE A 305 -12.15 10.08 24.91
N GLY A 306 -12.42 10.66 23.74
CA GLY A 306 -13.48 10.17 22.87
C GLY A 306 -14.33 11.31 22.37
N ARG A 307 -15.45 10.98 21.75
CA ARG A 307 -16.34 12.01 21.20
C ARG A 307 -17.83 11.70 21.40
N VAL A 308 -18.48 12.50 22.24
CA VAL A 308 -19.94 12.43 22.46
C VAL A 308 -20.69 13.04 21.29
N PRO A 309 -21.77 12.38 20.82
CA PRO A 309 -22.54 12.94 19.70
C PRO A 309 -23.01 14.38 19.97
N ARG A 310 -23.03 15.19 18.91
CA ARG A 310 -23.26 16.64 19.04
C ARG A 310 -24.71 17.05 18.81
N SER A 311 -25.55 16.77 19.80
CA SER A 311 -26.97 17.11 19.75
C SER A 311 -27.37 17.97 20.95
N GLN A 312 -26.35 18.37 21.71
CA GLN A 312 -26.52 19.08 22.99
C GLN A 312 -27.43 20.31 22.93
N ALA A 313 -27.34 21.09 21.85
CA ALA A 313 -28.08 22.34 21.76
C ALA A 313 -29.15 22.38 20.66
N LEU A 314 -29.46 21.22 20.09
CA LEU A 314 -30.36 21.16 18.94
C LEU A 314 -31.84 21.32 19.28
N GLN A 315 -32.21 20.96 20.50
CA GLN A 315 -33.61 20.88 20.91
C GLN A 315 -34.35 19.88 20.01
N LEU A 316 -34.03 18.61 20.21
CA LEU A 316 -34.73 17.52 19.54
C LEU A 316 -36.03 17.24 20.30
N ASP A 317 -35.95 17.38 21.62
CA ASP A 317 -37.10 17.30 22.54
C ASP A 317 -38.26 18.17 22.04
N LYS A 318 -37.94 19.40 21.65
CA LYS A 318 -38.92 20.38 21.16
C LYS A 318 -39.72 19.84 19.96
N ALA A 319 -39.12 18.94 19.17
CA ALA A 319 -39.79 18.36 18.01
C ALA A 319 -40.04 16.85 18.11
N GLY A 320 -39.63 16.24 19.22
CA GLY A 320 -39.83 14.82 19.46
C GLY A 320 -38.96 13.88 18.63
N VAL A 321 -37.64 13.95 18.85
CA VAL A 321 -36.70 12.99 18.27
C VAL A 321 -35.92 12.36 19.41
N ARG A 322 -36.02 11.03 19.52
CA ARG A 322 -35.48 10.33 20.69
C ARG A 322 -33.97 10.19 20.73
N THR A 323 -33.38 10.75 21.79
CA THR A 323 -31.97 10.59 22.10
C THR A 323 -31.77 9.34 22.97
N GLY A 324 -30.51 8.93 23.17
CA GLY A 324 -30.19 7.78 24.02
C GLY A 324 -29.07 8.07 24.99
N LYS A 325 -28.08 7.17 24.98
CA LYS A 325 -26.85 7.32 25.76
C LYS A 325 -26.03 8.49 25.23
N ASN A 326 -26.12 9.63 25.95
CA ASN A 326 -25.42 10.88 25.61
C ASN A 326 -25.76 11.47 24.23
N GLY A 327 -27.04 11.73 24.00
CA GLY A 327 -27.50 12.42 22.80
C GLY A 327 -27.51 11.64 21.49
N ALA A 328 -26.99 10.42 21.52
CA ALA A 328 -27.01 9.55 20.34
C ALA A 328 -28.41 9.56 19.74
N VAL A 329 -28.52 10.07 18.53
CA VAL A 329 -29.81 10.08 17.84
C VAL A 329 -30.13 8.70 17.28
N GLN A 330 -31.09 8.03 17.92
CA GLN A 330 -31.47 6.66 17.54
C GLN A 330 -32.17 6.63 16.19
N VAL A 331 -31.72 5.73 15.33
CA VAL A 331 -32.23 5.61 13.98
C VAL A 331 -32.46 4.15 13.65
N ASP A 332 -33.30 3.89 12.65
CA ASP A 332 -33.44 2.55 12.11
C ASP A 332 -32.29 2.28 11.15
N ALA A 333 -32.29 1.10 10.54
CA ALA A 333 -31.22 0.71 9.64
C ALA A 333 -31.29 1.43 8.27
N TYR A 334 -32.12 2.47 8.20
CA TYR A 334 -32.23 3.30 6.99
C TYR A 334 -31.98 4.77 7.30
N SER A 335 -31.55 5.02 8.53
CA SER A 335 -31.18 6.36 9.07
C SER A 335 -32.34 7.26 9.55
N LYS A 336 -33.57 6.75 9.51
CA LYS A 336 -34.77 7.49 9.97
C LYS A 336 -34.87 7.54 11.50
N THR A 337 -35.39 8.65 12.00
CA THR A 337 -35.48 8.88 13.44
C THR A 337 -36.89 8.58 13.97
N SER A 338 -37.17 9.13 15.15
CA SER A 338 -38.50 9.05 15.78
C SER A 338 -39.61 9.58 14.88
N VAL A 339 -39.32 10.63 14.11
CA VAL A 339 -40.30 11.22 13.19
C VAL A 339 -40.12 10.70 11.76
N ASP A 340 -41.24 10.56 11.04
CA ASP A 340 -41.27 9.96 9.69
C ASP A 340 -40.50 10.70 8.59
N ASN A 341 -40.05 11.92 8.87
CA ASN A 341 -39.36 12.75 7.87
C ASN A 341 -37.98 13.25 8.31
N ILE A 342 -37.71 13.19 9.61
CA ILE A 342 -36.43 13.61 10.17
C ILE A 342 -35.43 12.45 10.17
N TYR A 343 -34.16 12.75 9.89
CA TYR A 343 -33.10 11.74 9.81
C TYR A 343 -31.83 12.21 10.53
N ALA A 344 -30.94 11.26 10.81
CA ALA A 344 -29.63 11.57 11.38
C ALA A 344 -28.57 10.64 10.83
N ILE A 345 -27.39 11.17 10.54
CA ILE A 345 -26.26 10.37 10.04
C ILE A 345 -24.92 10.76 10.66
N GLY A 346 -23.87 10.09 10.22
CA GLY A 346 -22.52 10.39 10.68
C GLY A 346 -22.25 9.90 12.08
N ASP A 347 -21.68 10.78 12.90
CA ASP A 347 -21.25 10.41 14.23
C ASP A 347 -22.36 10.57 15.25
N VAL A 348 -23.30 11.45 14.96
CA VAL A 348 -24.37 11.74 15.90
C VAL A 348 -25.23 10.50 16.20
N THR A 349 -25.24 9.56 15.25
CA THR A 349 -25.99 8.31 15.38
C THR A 349 -25.37 7.34 16.39
N ASN A 350 -24.05 7.39 16.52
CA ASN A 350 -23.27 6.54 17.42
C ASN A 350 -22.98 5.11 16.91
N ARG A 351 -23.44 4.80 15.70
CA ARG A 351 -22.90 3.66 14.93
C ARG A 351 -21.42 3.98 14.61
N VAL A 352 -20.70 3.10 13.93
CA VAL A 352 -19.25 3.29 13.71
C VAL A 352 -18.90 4.64 13.04
N MET A 353 -18.19 5.52 13.78
CA MET A 353 -17.91 6.93 13.35
C MET A 353 -16.74 7.08 12.41
N LEU A 354 -17.04 7.12 11.11
CA LEU A 354 -16.00 7.31 10.10
C LEU A 354 -16.53 8.15 8.95
N THR A 355 -15.61 8.79 8.23
CA THR A 355 -15.97 9.63 7.09
C THR A 355 -16.69 8.85 5.99
N PRO A 356 -16.14 7.69 5.54
CA PRO A 356 -16.74 6.99 4.40
C PRO A 356 -18.04 6.26 4.75
N VAL A 357 -18.30 6.11 6.05
CA VAL A 357 -19.55 5.55 6.56
C VAL A 357 -20.65 6.64 6.49
N ALA A 358 -20.40 7.77 7.13
CA ALA A 358 -21.29 8.93 7.05
C ALA A 358 -21.66 9.22 5.60
N ILE A 359 -20.70 9.04 4.70
CA ILE A 359 -20.87 9.23 3.26
C ILE A 359 -21.86 8.23 2.70
N ASN A 360 -21.70 6.96 3.08
CA ASN A 360 -22.57 5.88 2.62
C ASN A 360 -24.00 6.01 3.19
N GLU A 361 -24.10 6.33 4.49
CA GLU A 361 -25.39 6.55 5.15
C GLU A 361 -26.14 7.68 4.45
N GLY A 362 -25.39 8.70 4.04
CA GLY A 362 -25.92 9.86 3.33
C GLY A 362 -26.40 9.53 1.94
N ALA A 363 -25.59 8.79 1.19
CA ALA A 363 -25.96 8.41 -0.18
C ALA A 363 -27.12 7.41 -0.22
N ALA A 364 -27.20 6.53 0.79
CA ALA A 364 -28.26 5.53 0.90
C ALA A 364 -29.61 6.20 1.20
N PHE A 365 -29.58 7.16 2.12
CA PHE A 365 -30.69 8.06 2.39
C PHE A 365 -31.27 8.66 1.10
N VAL A 366 -30.39 9.20 0.27
CA VAL A 366 -30.77 9.84 -0.99
C VAL A 366 -31.53 8.89 -1.94
N GLU A 367 -30.93 7.74 -2.24
CA GLU A 367 -31.54 6.72 -3.10
C GLU A 367 -32.88 6.27 -2.51
N THR A 368 -32.91 6.09 -1.18
CA THR A 368 -34.13 5.69 -0.48
C THR A 368 -35.26 6.70 -0.67
N VAL A 369 -35.12 7.89 -0.08
CA VAL A 369 -36.24 8.84 0.02
C VAL A 369 -36.40 9.81 -1.16
N PHE A 370 -35.44 9.83 -2.08
CA PHE A 370 -35.54 10.70 -3.26
C PHE A 370 -35.36 9.94 -4.56
N GLY A 371 -34.68 8.81 -4.48
CA GLY A 371 -34.46 7.96 -5.64
C GLY A 371 -35.54 6.92 -5.81
N GLY A 372 -36.46 6.87 -4.83
CA GLY A 372 -37.56 5.90 -4.81
C GLY A 372 -37.10 4.47 -4.53
N LYS A 373 -35.92 4.14 -5.05
CA LYS A 373 -35.32 2.81 -4.93
C LYS A 373 -34.46 2.71 -3.65
N PRO A 374 -35.03 2.15 -2.57
CA PRO A 374 -34.44 2.23 -1.23
C PRO A 374 -33.15 1.43 -1.05
N ARG A 375 -32.49 1.61 0.09
CA ARG A 375 -31.16 1.04 0.34
C ARG A 375 -30.74 1.19 1.81
N ALA A 376 -29.88 0.28 2.28
CA ALA A 376 -29.38 0.31 3.66
C ALA A 376 -27.86 0.07 3.73
N THR A 377 -27.24 0.52 4.82
CA THR A 377 -25.77 0.55 4.91
C THR A 377 -25.17 -0.66 5.65
N ASP A 378 -24.26 -1.36 4.97
CA ASP A 378 -23.56 -2.52 5.54
C ASP A 378 -22.56 -2.08 6.60
N HIS A 379 -22.81 -2.46 7.85
CA HIS A 379 -21.98 -1.98 8.96
C HIS A 379 -20.81 -2.88 9.34
N THR A 380 -20.85 -4.15 8.96
CA THR A 380 -19.75 -5.06 9.28
C THR A 380 -18.88 -5.33 8.06
N LYS A 381 -17.65 -5.76 8.34
CA LYS A 381 -16.64 -5.98 7.31
C LYS A 381 -16.25 -4.63 6.68
N VAL A 382 -16.33 -3.58 7.49
CA VAL A 382 -15.85 -2.26 7.14
C VAL A 382 -14.40 -2.17 7.58
N ALA A 383 -13.52 -1.83 6.64
CA ALA A 383 -12.11 -1.67 6.93
C ALA A 383 -11.84 -0.23 7.33
N CYS A 384 -11.15 -0.05 8.45
CA CYS A 384 -10.70 1.27 8.90
C CYS A 384 -9.20 1.28 9.14
N ALA A 385 -8.65 2.46 9.45
CA ALA A 385 -7.21 2.57 9.69
C ALA A 385 -6.84 3.52 10.82
N VAL A 386 -5.70 3.24 11.47
CA VAL A 386 -5.17 4.10 12.52
C VAL A 386 -3.83 4.66 12.06
N PHE A 387 -3.81 5.96 11.78
CA PHE A 387 -2.62 6.58 11.20
C PHE A 387 -1.56 6.92 12.23
N SER A 388 -1.29 5.94 13.09
CA SER A 388 -0.23 6.00 14.07
C SER A 388 1.09 5.87 13.34
N ILE A 389 2.19 6.12 14.03
CA ILE A 389 3.51 6.12 13.39
C ILE A 389 3.84 4.82 12.63
N PRO A 390 3.56 3.64 13.21
CA PRO A 390 3.40 2.51 12.29
C PRO A 390 1.91 2.29 12.11
N PRO A 391 1.38 2.59 10.89
CA PRO A 391 -0.05 2.55 10.62
C PRO A 391 -0.67 1.18 10.88
N ILE A 392 -1.95 1.18 11.25
CA ILE A 392 -2.71 -0.05 11.44
C ILE A 392 -3.81 -0.12 10.40
N GLY A 393 -4.02 -1.30 9.85
CA GLY A 393 -5.13 -1.53 8.94
C GLY A 393 -5.86 -2.78 9.35
N THR A 394 -7.08 -2.64 9.85
CA THR A 394 -7.91 -3.80 10.19
C THR A 394 -9.23 -3.82 9.43
N CYS A 395 -9.82 -5.00 9.34
CA CYS A 395 -11.13 -5.20 8.74
C CYS A 395 -11.72 -6.50 9.22
N GLY A 396 -12.91 -6.43 9.80
CA GLY A 396 -13.61 -7.61 10.28
C GLY A 396 -13.58 -7.73 11.78
N MET A 397 -13.83 -8.95 12.26
CA MET A 397 -13.96 -9.22 13.70
C MET A 397 -12.61 -9.28 14.40
N THR A 398 -12.61 -8.92 15.69
CA THR A 398 -11.42 -9.06 16.52
C THR A 398 -11.14 -10.56 16.70
N GLU A 399 -10.02 -10.90 17.31
CA GLU A 399 -9.71 -12.30 17.60
C GLU A 399 -10.65 -12.85 18.67
N GLU A 400 -10.97 -12.00 19.64
CA GLU A 400 -11.81 -12.34 20.79
C GLU A 400 -13.27 -12.48 20.38
N GLU A 401 -13.78 -11.47 19.67
CA GLU A 401 -15.19 -11.38 19.27
C GLU A 401 -15.61 -12.46 18.26
N ALA A 402 -14.68 -12.90 17.41
CA ALA A 402 -14.93 -14.01 16.51
C ALA A 402 -15.00 -15.33 17.27
N ALA A 403 -14.20 -15.45 18.33
CA ALA A 403 -14.18 -16.64 19.18
C ALA A 403 -15.39 -16.72 20.12
N LYS A 404 -16.05 -15.57 20.32
CA LYS A 404 -17.26 -15.50 21.14
C LYS A 404 -18.45 -16.12 20.41
N ASN A 405 -18.92 -15.48 19.34
CA ASN A 405 -20.14 -15.94 18.68
C ASN A 405 -19.98 -17.03 17.57
N TYR A 406 -18.74 -17.27 17.12
CA TYR A 406 -18.47 -18.39 16.20
C TYR A 406 -17.90 -19.60 16.93
N GLU A 407 -18.38 -20.78 16.55
CA GLU A 407 -18.09 -22.04 17.23
C GLU A 407 -16.60 -22.44 17.17
N THR A 408 -16.12 -22.72 15.96
CA THR A 408 -14.71 -23.09 15.73
C THR A 408 -14.01 -22.01 14.88
N VAL A 409 -12.88 -21.52 15.40
CA VAL A 409 -12.10 -20.46 14.73
C VAL A 409 -10.59 -20.78 14.69
N ALA A 410 -9.95 -20.38 13.57
CA ALA A 410 -8.50 -20.54 13.38
C ALA A 410 -7.80 -19.19 13.40
N VAL A 411 -6.59 -19.16 13.94
CA VAL A 411 -5.77 -17.96 13.97
C VAL A 411 -4.51 -18.15 13.11
N TYR A 412 -4.37 -17.29 12.10
CA TYR A 412 -3.19 -17.29 11.22
C TYR A 412 -2.31 -16.09 11.54
N ALA A 413 -1.05 -16.35 11.92
CA ALA A 413 -0.14 -15.28 12.31
C ALA A 413 1.13 -15.29 11.46
N SER A 414 1.67 -14.09 11.23
CA SER A 414 2.89 -13.94 10.46
C SER A 414 3.51 -12.58 10.79
N SER A 415 4.66 -12.61 11.43
CA SER A 415 5.39 -11.38 11.73
C SER A 415 6.77 -11.44 11.10
N PHE A 416 7.00 -10.61 10.09
CA PHE A 416 8.29 -10.55 9.41
C PHE A 416 8.82 -9.14 9.46
N THR A 417 10.14 -9.01 9.29
CA THR A 417 10.78 -7.70 9.28
C THR A 417 11.36 -7.47 7.90
N PRO A 418 10.83 -6.48 7.14
CA PRO A 418 11.15 -6.30 5.74
C PRO A 418 12.64 -6.07 5.48
N LEU A 419 13.05 -6.32 4.25
CA LEU A 419 14.46 -6.31 3.83
C LEU A 419 15.19 -5.03 4.20
N MET A 420 14.59 -3.90 3.84
CA MET A 420 15.20 -2.59 4.02
C MET A 420 15.55 -2.20 5.46
N HIS A 421 14.92 -2.83 6.44
CA HIS A 421 15.11 -2.43 7.84
C HIS A 421 16.34 -3.03 8.51
N ASN A 422 17.04 -3.90 7.77
CA ASN A 422 18.34 -4.41 8.18
C ASN A 422 19.38 -3.32 8.01
N ILE A 423 19.15 -2.49 7.00
CA ILE A 423 20.02 -1.37 6.67
C ILE A 423 19.61 -0.10 7.42
N SER A 424 18.35 0.31 7.29
CA SER A 424 17.84 1.57 7.85
C SER A 424 18.07 1.73 9.35
N GLY A 425 18.38 0.63 10.03
CA GLY A 425 18.73 0.66 11.44
C GLY A 425 17.52 0.49 12.34
N SER A 426 16.33 0.64 11.76
CA SER A 426 15.09 0.43 12.49
C SER A 426 14.70 -1.04 12.37
N LYS A 427 15.44 -1.90 13.06
CA LYS A 427 15.20 -3.34 13.02
C LYS A 427 14.07 -3.74 13.97
N HIS A 428 13.12 -2.82 14.13
CA HIS A 428 11.98 -2.98 15.03
C HIS A 428 10.67 -2.68 14.32
N LYS A 429 10.74 -2.33 13.04
CA LYS A 429 9.56 -1.98 12.25
C LYS A 429 8.94 -3.22 11.57
N GLU A 430 9.06 -4.34 12.28
CA GLU A 430 8.41 -5.61 12.01
C GLU A 430 6.94 -5.48 11.57
N PHE A 431 6.66 -5.88 10.33
CA PHE A 431 5.30 -5.90 9.78
C PHE A 431 4.56 -7.11 10.37
N MET A 432 3.27 -6.92 10.71
CA MET A 432 2.48 -7.99 11.33
C MET A 432 1.18 -8.27 10.57
N ILE A 433 0.82 -9.54 10.46
CA ILE A 433 -0.47 -9.95 9.88
C ILE A 433 -1.19 -10.95 10.78
N ARG A 434 -2.48 -10.72 11.01
CA ARG A 434 -3.34 -11.63 11.76
C ARG A 434 -4.58 -11.90 10.93
N ILE A 435 -4.85 -13.17 10.64
CA ILE A 435 -6.11 -13.52 9.97
C ILE A 435 -6.96 -14.45 10.85
N ILE A 436 -8.23 -14.08 11.01
CA ILE A 436 -9.19 -14.83 11.83
C ILE A 436 -10.28 -15.45 10.96
N THR A 437 -10.36 -16.80 10.99
CA THR A 437 -11.26 -17.56 10.12
C THR A 437 -12.24 -18.45 10.89
N ASN A 438 -13.41 -18.66 10.30
CA ASN A 438 -14.35 -19.70 10.74
C ASN A 438 -13.86 -21.05 10.25
N GLU A 439 -13.47 -21.89 11.21
CA GLU A 439 -12.88 -23.19 10.91
C GLU A 439 -13.84 -24.08 10.13
N SER A 440 -15.12 -24.03 10.52
CA SER A 440 -16.20 -24.78 9.86
C SER A 440 -16.15 -24.64 8.34
N ASN A 441 -16.39 -23.41 7.84
CA ASN A 441 -16.46 -23.19 6.39
C ASN A 441 -15.24 -22.49 5.76
N GLY A 442 -14.21 -22.26 6.58
CA GLY A 442 -12.96 -21.61 6.12
C GLY A 442 -13.01 -20.09 5.89
N GLU A 443 -14.19 -19.48 6.09
CA GLU A 443 -14.43 -18.07 5.80
C GLU A 443 -13.51 -17.14 6.58
N VAL A 444 -13.10 -16.05 5.94
CA VAL A 444 -12.29 -14.99 6.57
C VAL A 444 -13.15 -13.96 7.31
N LEU A 445 -12.98 -13.90 8.63
CA LEU A 445 -13.82 -13.08 9.50
C LEU A 445 -13.15 -11.77 9.92
N GLY A 446 -11.82 -11.78 9.99
CA GLY A 446 -11.04 -10.60 10.37
C GLY A 446 -9.57 -10.62 9.98
N VAL A 447 -9.12 -9.56 9.31
CA VAL A 447 -7.72 -9.39 8.98
C VAL A 447 -7.19 -8.17 9.70
N HIS A 448 -5.98 -8.29 10.24
CA HIS A 448 -5.38 -7.22 11.05
C HIS A 448 -3.92 -7.04 10.68
N MET A 449 -3.52 -5.79 10.46
CA MET A 449 -2.17 -5.51 10.04
C MET A 449 -1.53 -4.33 10.76
N LEU A 450 -0.27 -4.51 11.13
CA LEU A 450 0.56 -3.42 11.64
C LEU A 450 1.80 -3.29 10.78
N GLY A 451 2.07 -2.08 10.32
CA GLY A 451 3.26 -1.79 9.52
C GLY A 451 3.01 -0.70 8.51
N ASP A 452 4.06 -0.25 7.86
CA ASP A 452 3.94 0.77 6.82
C ASP A 452 3.20 0.19 5.62
N SER A 453 2.45 1.05 4.93
CA SER A 453 1.58 0.66 3.82
C SER A 453 0.40 -0.22 4.21
N ALA A 454 0.16 -0.35 5.52
CA ALA A 454 -0.96 -1.14 6.02
C ALA A 454 -2.35 -0.62 5.65
N PRO A 455 -2.60 0.70 5.79
CA PRO A 455 -3.93 1.20 5.42
C PRO A 455 -4.19 1.09 3.92
N GLU A 456 -3.12 1.02 3.13
CA GLU A 456 -3.25 0.93 1.70
C GLU A 456 -3.68 -0.47 1.27
N ILE A 457 -3.08 -1.49 1.86
CA ILE A 457 -3.39 -2.88 1.55
C ILE A 457 -4.80 -3.25 2.02
N ILE A 458 -5.09 -2.97 3.30
CA ILE A 458 -6.35 -3.36 3.94
C ILE A 458 -7.59 -2.95 3.15
N GLN A 459 -7.49 -1.85 2.41
CA GLN A 459 -8.61 -1.33 1.64
C GLN A 459 -9.20 -2.38 0.70
N SER A 460 -8.34 -3.01 -0.10
CA SER A 460 -8.79 -4.03 -1.04
C SER A 460 -9.12 -5.35 -0.35
N VAL A 461 -8.57 -5.53 0.85
CA VAL A 461 -8.92 -6.65 1.72
C VAL A 461 -10.40 -6.59 2.10
N GLY A 462 -10.91 -5.38 2.34
CA GLY A 462 -12.30 -5.18 2.71
C GLY A 462 -13.28 -5.45 1.59
N ILE A 463 -12.80 -5.30 0.35
CA ILE A 463 -13.58 -5.67 -0.81
C ILE A 463 -13.69 -7.18 -0.86
N CYS A 464 -12.58 -7.86 -0.54
CA CYS A 464 -12.49 -9.33 -0.50
C CYS A 464 -13.32 -9.97 0.60
N MET A 465 -13.59 -9.23 1.67
CA MET A 465 -14.37 -9.78 2.78
C MET A 465 -15.87 -9.54 2.63
N LYS A 466 -16.23 -8.38 2.11
CA LYS A 466 -17.63 -8.08 1.74
C LYS A 466 -18.02 -8.97 0.54
N MET A 467 -17.03 -9.30 -0.27
CA MET A 467 -17.13 -10.34 -1.29
C MET A 467 -17.49 -11.67 -0.62
N GLY A 468 -16.90 -11.92 0.56
CA GLY A 468 -17.15 -13.12 1.35
C GLY A 468 -16.06 -14.17 1.23
N ALA A 469 -14.81 -13.76 1.36
CA ALA A 469 -13.68 -14.63 1.07
C ALA A 469 -13.34 -15.64 2.15
N LYS A 470 -12.49 -16.58 1.79
CA LYS A 470 -12.00 -17.64 2.67
C LYS A 470 -10.47 -17.71 2.61
N ILE A 471 -9.86 -18.27 3.65
CA ILE A 471 -8.41 -18.40 3.72
C ILE A 471 -7.85 -19.08 2.46
N SER A 472 -8.64 -19.97 1.88
CA SER A 472 -8.30 -20.63 0.62
C SER A 472 -8.21 -19.60 -0.50
N ASP A 473 -9.15 -18.67 -0.53
CA ASP A 473 -9.16 -17.59 -1.51
C ASP A 473 -7.87 -16.79 -1.52
N PHE A 474 -7.26 -16.63 -0.34
CA PHE A 474 -6.02 -15.88 -0.22
C PHE A 474 -4.82 -16.63 -0.77
N HIS A 475 -4.37 -17.67 -0.08
CA HIS A 475 -3.17 -18.39 -0.50
C HIS A 475 -3.20 -18.93 -1.95
N SER A 476 -4.40 -19.18 -2.47
CA SER A 476 -4.56 -19.66 -3.85
C SER A 476 -4.35 -18.59 -4.93
N THR A 477 -3.99 -17.37 -4.51
CA THR A 477 -3.64 -16.30 -5.46
C THR A 477 -2.13 -16.18 -5.55
N ILE A 478 -1.64 -15.90 -6.76
CA ILE A 478 -0.22 -15.64 -7.02
C ILE A 478 0.11 -14.20 -6.62
N GLY A 479 1.28 -14.02 -5.99
CA GLY A 479 1.67 -12.71 -5.44
C GLY A 479 2.64 -11.87 -6.27
N VAL A 480 2.93 -10.67 -5.75
CA VAL A 480 3.94 -9.76 -6.32
C VAL A 480 5.20 -9.87 -5.43
N HIS A 481 6.36 -10.18 -6.03
CA HIS A 481 7.52 -10.73 -5.25
C HIS A 481 8.14 -9.85 -4.14
N PRO A 482 8.38 -8.56 -4.41
CA PRO A 482 9.03 -7.81 -3.32
C PRO A 482 8.09 -7.07 -2.35
N THR A 483 6.77 -7.09 -2.60
CA THR A 483 5.77 -6.43 -1.74
C THR A 483 5.62 -7.08 -0.37
N SER A 484 5.02 -6.32 0.57
CA SER A 484 4.74 -6.84 1.91
C SER A 484 3.33 -7.45 1.96
N ALA A 485 2.51 -7.04 0.99
CA ALA A 485 1.14 -7.56 0.85
C ALA A 485 1.07 -8.96 0.25
N GLU A 486 2.18 -9.44 -0.32
CA GLU A 486 2.30 -10.80 -0.86
C GLU A 486 2.22 -11.87 0.24
N GLU A 487 2.65 -11.51 1.45
CA GLU A 487 2.69 -12.44 2.59
C GLU A 487 1.29 -12.69 3.14
N LEU A 488 0.28 -12.18 2.42
CA LEU A 488 -1.13 -12.38 2.74
C LEU A 488 -1.59 -13.73 2.17
N CYS A 489 -1.03 -14.08 1.02
CA CYS A 489 -1.35 -15.34 0.31
C CYS A 489 -0.33 -16.44 0.65
N SER A 490 0.26 -16.36 1.84
CA SER A 490 1.33 -17.26 2.24
C SER A 490 1.05 -17.97 3.56
N MET A 491 -0.09 -17.67 4.17
CA MET A 491 -0.45 -18.34 5.41
C MET A 491 -1.40 -19.52 5.17
N ARG A 492 -0.79 -20.70 5.17
CA ARG A 492 -1.47 -21.98 4.94
C ARG A 492 -1.92 -22.62 6.25
N THR A 493 -0.97 -23.10 7.04
CA THR A 493 -1.28 -23.72 8.32
C THR A 493 -1.50 -22.63 9.36
N PRO A 494 -2.52 -22.79 10.21
CA PRO A 494 -2.82 -21.80 11.24
C PRO A 494 -1.87 -21.88 12.44
N ALA A 495 -1.68 -20.76 13.12
CA ALA A 495 -0.83 -20.70 14.31
C ALA A 495 -1.45 -21.45 15.50
N TYR A 496 -2.75 -21.25 15.72
CA TYR A 496 -3.51 -21.98 16.75
C TYR A 496 -5.03 -21.81 16.56
N PHE A 497 -5.81 -22.44 17.44
CA PHE A 497 -7.28 -22.58 17.29
C PHE A 497 -8.13 -22.14 18.49
N TYR A 498 -9.38 -21.75 18.20
CA TYR A 498 -10.38 -21.47 19.25
C TYR A 498 -11.65 -22.34 19.14
N GLU A 499 -11.69 -23.40 19.95
CA GLU A 499 -12.77 -24.40 19.94
C GLU A 499 -13.87 -24.05 20.96
N SER A 500 -14.94 -23.42 20.48
CA SER A 500 -16.06 -22.90 21.30
C SER A 500 -15.61 -21.98 22.44
N GLY A 501 -14.81 -20.97 22.09
CA GLY A 501 -14.38 -19.92 23.00
C GLY A 501 -13.31 -20.27 24.02
N LYS A 502 -12.39 -21.16 23.67
CA LYS A 502 -11.27 -21.53 24.56
C LYS A 502 -9.94 -21.57 23.81
N ARG A 503 -8.83 -21.46 24.53
CA ARG A 503 -7.49 -21.47 23.92
C ARG A 503 -7.01 -22.89 23.58
N VAL A 504 -7.04 -23.25 22.30
CA VAL A 504 -6.73 -24.63 21.85
C VAL A 504 -5.56 -24.69 20.86
N GLU A 505 -4.79 -25.79 20.92
CA GLU A 505 -3.78 -26.07 19.89
C GLU A 505 -4.29 -27.04 18.82
N LYS A 506 -4.86 -28.16 19.24
CA LYS A 506 -5.33 -29.21 18.32
C LYS A 506 -6.87 -29.25 18.20
N LEU A 507 -7.40 -30.35 17.64
CA LEU A 507 -8.85 -30.47 17.37
C LEU A 507 -9.47 -31.85 17.67
N SER A 508 -8.71 -32.93 17.39
CA SER A 508 -9.19 -34.31 17.55
C SER A 508 -9.46 -34.69 19.02
N MET B 21 14.39 -50.51 -10.63
CA MET B 21 14.65 -49.08 -10.95
C MET B 21 14.76 -48.19 -9.69
N SER B 22 15.54 -48.68 -8.69
CA SER B 22 15.92 -47.89 -7.52
C SER B 22 17.12 -47.01 -7.88
N ARG B 23 16.94 -45.70 -7.76
CA ARG B 23 17.97 -44.75 -8.17
C ARG B 23 18.45 -43.89 -7.00
N ALA B 24 19.65 -43.34 -7.13
CA ALA B 24 20.28 -42.53 -6.08
C ALA B 24 19.40 -41.38 -5.57
N TYR B 25 18.89 -40.58 -6.51
CA TYR B 25 18.03 -39.44 -6.16
C TYR B 25 16.67 -39.55 -6.82
N ASP B 26 15.63 -39.22 -6.07
CA ASP B 26 14.28 -39.16 -6.60
C ASP B 26 14.19 -38.00 -7.58
N LEU B 27 14.83 -36.88 -7.24
CA LEU B 27 14.81 -35.67 -8.06
C LEU B 27 16.19 -35.02 -8.10
N VAL B 28 16.55 -34.50 -9.27
CA VAL B 28 17.67 -33.59 -9.39
C VAL B 28 17.17 -32.29 -10.00
N VAL B 29 17.14 -31.23 -9.20
CA VAL B 29 16.72 -29.90 -9.67
C VAL B 29 17.92 -29.16 -10.24
N LEU B 30 17.81 -28.75 -11.49
CA LEU B 30 18.92 -28.15 -12.21
C LEU B 30 18.89 -26.63 -12.11
N GLY B 31 19.17 -26.12 -10.91
CA GLY B 31 19.18 -24.68 -10.65
C GLY B 31 18.52 -24.33 -9.34
N ALA B 32 19.27 -23.71 -8.43
CA ALA B 32 18.76 -23.30 -7.13
C ALA B 32 17.99 -22.00 -7.27
N GLY B 33 17.05 -21.96 -8.20
CA GLY B 33 16.27 -20.77 -8.47
C GLY B 33 15.13 -20.61 -7.51
N SER B 34 14.47 -19.45 -7.56
CA SER B 34 13.27 -19.20 -6.78
C SER B 34 12.40 -20.43 -6.86
N GLY B 35 12.12 -20.84 -8.10
CA GLY B 35 11.35 -22.04 -8.38
C GLY B 35 12.14 -23.31 -8.11
N GLY B 36 13.42 -23.30 -8.50
CA GLY B 36 14.28 -24.44 -8.25
C GLY B 36 14.25 -24.89 -6.80
N LEU B 37 14.66 -23.99 -5.91
CA LEU B 37 14.71 -24.27 -4.47
C LEU B 37 13.36 -24.70 -3.92
N GLU B 38 12.34 -23.87 -4.09
CA GLU B 38 10.98 -24.20 -3.65
C GLU B 38 10.59 -25.64 -3.99
N ALA B 39 10.86 -26.06 -5.22
CA ALA B 39 10.55 -27.41 -5.67
C ALA B 39 11.37 -28.45 -4.89
N GLY B 40 12.70 -28.29 -4.94
CA GLY B 40 13.60 -29.17 -4.22
C GLY B 40 13.24 -29.28 -2.76
N TRP B 41 13.18 -28.13 -2.09
CA TRP B 41 12.81 -28.06 -0.68
C TRP B 41 11.55 -28.88 -0.40
N ASN B 42 10.48 -28.57 -1.13
CA ASN B 42 9.16 -29.18 -0.92
C ASN B 42 9.15 -30.71 -0.86
N ALA B 43 9.60 -31.33 -1.95
CA ALA B 43 9.64 -32.78 -2.07
C ALA B 43 10.48 -33.44 -0.99
N ALA B 44 11.55 -32.74 -0.58
CA ALA B 44 12.49 -33.24 0.40
C ALA B 44 11.93 -33.25 1.82
N VAL B 45 11.08 -32.27 2.13
CA VAL B 45 10.57 -32.11 3.50
C VAL B 45 9.14 -32.64 3.67
N THR B 46 8.22 -32.17 2.82
CA THR B 46 6.83 -32.62 2.89
C THR B 46 6.63 -34.03 2.34
N HIS B 47 7.53 -34.47 1.47
CA HIS B 47 7.44 -35.82 0.88
C HIS B 47 8.63 -36.72 1.15
N LYS B 48 9.64 -36.16 1.83
CA LYS B 48 10.82 -36.92 2.29
C LYS B 48 11.60 -37.65 1.19
N LYS B 49 11.24 -37.37 -0.06
CA LYS B 49 11.99 -37.86 -1.23
C LYS B 49 13.42 -37.32 -1.19
N LYS B 50 14.34 -38.06 -1.79
CA LYS B 50 15.75 -37.63 -1.85
C LYS B 50 15.93 -36.67 -3.03
N VAL B 51 16.44 -35.48 -2.73
CA VAL B 51 16.58 -34.42 -3.73
C VAL B 51 18.01 -33.92 -3.80
N ALA B 52 18.45 -33.56 -5.00
CA ALA B 52 19.75 -32.94 -5.21
C ALA B 52 19.56 -31.69 -6.03
N VAL B 53 20.18 -30.60 -5.59
CA VAL B 53 20.06 -29.30 -6.26
C VAL B 53 21.41 -28.84 -6.80
N VAL B 54 21.46 -28.51 -8.07
CA VAL B 54 22.71 -28.15 -8.71
C VAL B 54 22.72 -26.69 -9.15
N ASP B 55 23.67 -25.93 -8.64
CA ASP B 55 23.81 -24.55 -9.07
C ASP B 55 25.28 -24.16 -9.26
N VAL B 56 25.51 -22.99 -9.82
CA VAL B 56 26.83 -22.54 -10.21
C VAL B 56 27.76 -22.26 -9.03
N GLN B 57 27.34 -21.41 -8.08
CA GLN B 57 28.17 -21.09 -6.90
C GLN B 57 27.41 -20.92 -5.58
N ALA B 58 28.14 -20.54 -4.52
CA ALA B 58 27.66 -20.57 -3.13
C ALA B 58 26.99 -19.28 -2.63
N THR B 59 27.68 -18.15 -2.79
CA THR B 59 27.13 -16.83 -2.46
C THR B 59 27.07 -15.95 -3.71
N HIS B 60 26.31 -14.86 -3.64
CA HIS B 60 26.21 -13.89 -4.75
C HIS B 60 27.60 -13.47 -5.21
N GLY B 61 27.86 -13.61 -6.51
CA GLY B 61 29.22 -13.47 -7.02
C GLY B 61 29.37 -12.61 -8.26
N PRO B 62 30.47 -11.85 -8.34
CA PRO B 62 30.76 -11.08 -9.57
C PRO B 62 31.25 -11.89 -10.79
N PRO B 63 32.08 -12.95 -10.60
CA PRO B 63 32.48 -13.67 -11.82
C PRO B 63 31.32 -14.46 -12.44
N LEU B 64 30.64 -15.27 -11.62
CA LEU B 64 29.42 -15.96 -12.04
C LEU B 64 28.31 -15.36 -11.17
N PHE B 65 27.29 -14.79 -11.82
CA PHE B 65 26.39 -13.84 -11.13
C PHE B 65 25.36 -14.44 -10.16
N ALA B 66 24.43 -15.22 -10.69
CA ALA B 66 23.45 -15.89 -9.87
C ALA B 66 24.11 -17.01 -9.09
N ALA B 67 23.55 -17.35 -7.94
CA ALA B 67 24.08 -18.42 -7.11
C ALA B 67 22.93 -19.10 -6.38
N LEU B 68 23.26 -19.79 -5.28
CA LEU B 68 22.26 -20.39 -4.40
C LEU B 68 21.26 -19.34 -3.91
N GLY B 69 20.06 -19.36 -4.49
CA GLY B 69 19.02 -18.38 -4.19
C GLY B 69 18.20 -17.99 -5.39
N GLY B 70 18.87 -17.83 -6.53
CA GLY B 70 18.21 -17.52 -7.79
C GLY B 70 18.58 -16.17 -8.37
N THR B 71 18.16 -15.94 -9.61
CA THR B 71 18.41 -14.69 -10.32
C THR B 71 17.69 -13.53 -9.63
N CYS B 72 16.87 -13.87 -8.64
CA CYS B 72 16.09 -12.87 -7.91
C CYS B 72 16.78 -12.44 -6.59
N VAL B 73 17.39 -13.41 -5.90
CA VAL B 73 18.02 -13.14 -4.61
C VAL B 73 19.38 -12.47 -4.83
N ASN B 74 20.12 -12.94 -5.83
CA ASN B 74 21.50 -12.52 -6.02
C ASN B 74 21.67 -11.35 -6.99
N VAL B 75 21.01 -11.40 -8.14
CA VAL B 75 21.12 -10.34 -9.15
C VAL B 75 19.75 -9.89 -9.66
N GLY B 76 18.77 -9.92 -8.77
CA GLY B 76 17.40 -9.57 -9.12
C GLY B 76 16.64 -8.79 -8.06
N CYS B 77 15.37 -9.16 -7.87
CA CYS B 77 14.41 -8.40 -7.05
C CYS B 77 14.86 -8.00 -5.66
N VAL B 78 15.55 -8.89 -4.95
CA VAL B 78 15.95 -8.61 -3.57
C VAL B 78 16.94 -7.44 -3.44
N PRO B 79 18.14 -7.52 -4.07
CA PRO B 79 19.07 -6.39 -4.02
C PRO B 79 18.59 -5.17 -4.81
N LYS B 80 17.91 -5.42 -5.92
CA LYS B 80 17.32 -4.37 -6.75
C LYS B 80 16.45 -3.46 -5.91
N LYS B 81 15.53 -4.05 -5.15
CA LYS B 81 14.56 -3.29 -4.37
C LYS B 81 15.23 -2.42 -3.32
N LEU B 82 16.31 -2.92 -2.74
CA LEU B 82 17.08 -2.15 -1.77
C LEU B 82 17.65 -0.88 -2.40
N MET B 83 18.02 -0.98 -3.67
CA MET B 83 18.58 0.16 -4.37
C MET B 83 17.52 1.15 -4.82
N VAL B 84 16.34 0.65 -5.17
CA VAL B 84 15.23 1.53 -5.53
C VAL B 84 14.78 2.33 -4.31
N THR B 85 14.83 1.71 -3.15
CA THR B 85 14.44 2.37 -1.89
C THR B 85 15.41 3.47 -1.55
N GLY B 86 16.69 3.22 -1.82
CA GLY B 86 17.75 4.18 -1.57
C GLY B 86 17.68 5.38 -2.50
N ALA B 87 17.35 5.13 -3.76
CA ALA B 87 17.17 6.19 -4.75
C ALA B 87 15.89 6.99 -4.50
N GLN B 88 14.90 6.32 -3.91
CA GLN B 88 13.62 6.93 -3.58
C GLN B 88 13.80 8.06 -2.57
N TYR B 89 14.83 7.91 -1.72
CA TYR B 89 15.08 8.86 -0.65
C TYR B 89 15.34 10.27 -1.13
N MET B 90 16.01 10.38 -2.28
CA MET B 90 16.37 11.68 -2.87
C MET B 90 15.18 12.62 -2.89
N ASP B 91 14.06 12.08 -3.38
CA ASP B 91 12.80 12.82 -3.43
C ASP B 91 12.31 13.09 -2.02
N LEU B 92 12.18 12.04 -1.22
CA LEU B 92 11.68 12.15 0.15
C LEU B 92 12.40 13.22 0.97
N ILE B 93 13.70 13.36 0.74
CA ILE B 93 14.50 14.36 1.45
C ILE B 93 14.11 15.78 1.03
N ARG B 94 14.25 16.08 -0.25
CA ARG B 94 13.86 17.39 -0.79
C ARG B 94 12.38 17.68 -0.50
N GLU B 95 11.56 16.63 -0.52
CA GLU B 95 10.12 16.77 -0.27
C GLU B 95 9.82 17.17 1.15
N SER B 96 10.62 16.70 2.10
CA SER B 96 10.39 17.00 3.51
C SER B 96 10.60 18.48 3.77
N GLY B 97 11.41 19.11 2.93
CA GLY B 97 11.71 20.53 3.01
C GLY B 97 10.47 21.41 3.02
N GLY B 98 9.39 20.93 2.41
CA GLY B 98 8.13 21.64 2.39
C GLY B 98 7.32 21.44 3.67
N PHE B 99 7.62 20.39 4.40
CA PHE B 99 6.86 20.08 5.61
C PHE B 99 7.46 20.71 6.84
N GLY B 100 8.50 21.51 6.64
CA GLY B 100 9.15 22.24 7.72
C GLY B 100 10.50 21.68 8.10
N TRP B 101 10.97 20.73 7.30
CA TRP B 101 12.24 20.09 7.57
C TRP B 101 13.41 20.90 7.01
N GLU B 102 13.87 21.83 7.82
CA GLU B 102 14.96 22.71 7.44
C GLU B 102 16.29 22.07 7.78
N MET B 103 17.24 22.22 6.86
CA MET B 103 18.60 21.72 6.99
C MET B 103 19.42 22.15 5.79
N ASP B 104 20.71 21.79 5.79
CA ASP B 104 21.62 22.16 4.71
C ASP B 104 21.26 21.43 3.41
N ARG B 105 20.61 22.16 2.52
CA ARG B 105 20.17 21.65 1.21
C ARG B 105 21.34 21.23 0.30
N GLU B 106 22.55 21.31 0.83
CA GLU B 106 23.74 20.81 0.14
C GLU B 106 24.72 20.11 1.09
N SER B 107 24.27 19.83 2.31
CA SER B 107 24.98 18.89 3.18
C SER B 107 24.77 17.50 2.58
N LEU B 108 23.65 17.37 1.88
CA LEU B 108 23.17 16.12 1.29
C LEU B 108 24.03 15.64 0.14
N CYS B 109 24.61 14.45 0.30
CA CYS B 109 25.33 13.78 -0.78
C CYS B 109 25.17 12.27 -0.67
N PRO B 110 24.76 11.61 -1.77
CA PRO B 110 24.61 10.15 -1.78
C PRO B 110 25.95 9.45 -1.94
N ASN B 111 26.20 8.45 -1.11
CA ASN B 111 27.40 7.64 -1.23
C ASN B 111 27.03 6.28 -1.78
N TRP B 112 27.35 6.08 -3.05
CA TRP B 112 27.06 4.84 -3.76
C TRP B 112 27.71 3.66 -3.08
N LYS B 113 28.86 3.92 -2.46
CA LYS B 113 29.65 2.84 -1.87
C LYS B 113 28.95 2.23 -0.65
N THR B 114 28.61 3.06 0.34
CA THR B 114 27.95 2.57 1.56
C THR B 114 26.66 1.82 1.26
N LEU B 115 26.08 2.08 0.10
CA LEU B 115 24.89 1.35 -0.36
C LEU B 115 25.26 -0.06 -0.79
N ILE B 116 26.04 -0.15 -1.87
CA ILE B 116 26.45 -1.45 -2.41
C ILE B 116 27.02 -2.34 -1.30
N ALA B 117 27.87 -1.76 -0.46
CA ALA B 117 28.47 -2.45 0.68
C ALA B 117 27.42 -2.94 1.69
N ALA B 118 26.43 -2.10 1.98
CA ALA B 118 25.33 -2.50 2.87
C ALA B 118 24.30 -3.36 2.13
N LYS B 119 24.34 -3.33 0.79
CA LYS B 119 23.54 -4.22 -0.04
C LYS B 119 24.07 -5.65 0.05
N ASN B 120 25.38 -5.80 -0.10
CA ASN B 120 26.04 -7.11 0.02
C ASN B 120 25.86 -7.71 1.40
N LYS B 121 26.05 -6.87 2.43
CA LYS B 121 25.77 -7.22 3.83
C LYS B 121 24.51 -8.06 3.96
N VAL B 122 23.50 -7.68 3.18
CA VAL B 122 22.18 -8.28 3.24
C VAL B 122 22.09 -9.52 2.38
N VAL B 123 22.43 -9.38 1.11
CA VAL B 123 22.38 -10.52 0.18
C VAL B 123 23.23 -11.65 0.72
N ASN B 124 24.47 -11.32 1.09
CA ASN B 124 25.39 -12.30 1.64
C ASN B 124 24.81 -13.04 2.83
N SER B 125 24.06 -12.32 3.65
CA SER B 125 23.38 -12.90 4.79
C SER B 125 22.35 -13.93 4.37
N ILE B 126 21.68 -13.70 3.24
CA ILE B 126 20.70 -14.66 2.72
C ILE B 126 21.42 -15.94 2.32
N ASN B 127 22.44 -15.79 1.48
CA ASN B 127 23.26 -16.91 1.04
C ASN B 127 23.78 -17.73 2.21
N GLU B 128 23.98 -17.06 3.33
CA GLU B 128 24.51 -17.68 4.54
C GLU B 128 23.45 -18.45 5.29
N SER B 129 22.20 -18.02 5.16
CA SER B 129 21.08 -18.74 5.77
C SER B 129 20.64 -19.92 4.90
N TYR B 130 21.00 -19.88 3.62
CA TYR B 130 20.72 -20.99 2.71
C TYR B 130 21.66 -22.16 2.98
N LYS B 131 22.96 -21.87 3.06
CA LYS B 131 23.96 -22.87 3.39
C LYS B 131 23.46 -23.73 4.54
N SER B 132 23.07 -23.06 5.63
CA SER B 132 22.59 -23.74 6.83
C SER B 132 21.31 -24.55 6.62
N MET B 133 20.47 -24.14 5.67
CA MET B 133 19.28 -24.93 5.33
C MET B 133 19.67 -26.33 4.85
N PHE B 134 20.69 -26.39 4.00
CA PHE B 134 21.11 -27.66 3.40
C PHE B 134 21.73 -28.62 4.40
N ALA B 135 22.54 -28.08 5.31
CA ALA B 135 23.08 -28.86 6.40
C ALA B 135 21.97 -29.32 7.36
N ASP B 136 20.92 -28.52 7.49
CA ASP B 136 19.83 -28.80 8.43
C ASP B 136 18.76 -29.77 7.92
N THR B 137 18.70 -29.98 6.60
CA THR B 137 17.60 -30.73 5.99
C THR B 137 17.99 -32.14 5.50
N GLU B 138 17.28 -33.15 6.01
CA GLU B 138 17.46 -34.55 5.58
C GLU B 138 16.82 -34.77 4.22
N GLY B 139 17.62 -35.21 3.25
CA GLY B 139 17.11 -35.44 1.90
C GLY B 139 17.57 -34.39 0.90
N LEU B 140 17.98 -33.23 1.40
CA LEU B 140 18.47 -32.14 0.55
C LEU B 140 19.98 -32.08 0.50
N SER B 141 20.51 -31.86 -0.69
CA SER B 141 21.95 -31.68 -0.88
C SER B 141 22.21 -30.69 -2.00
N PHE B 142 23.27 -29.91 -1.84
CA PHE B 142 23.69 -28.96 -2.86
C PHE B 142 24.90 -29.54 -3.59
N HIS B 143 24.86 -29.50 -4.91
CA HIS B 143 25.97 -29.93 -5.72
C HIS B 143 26.37 -28.76 -6.61
N MET B 144 27.67 -28.50 -6.72
CA MET B 144 28.14 -27.27 -7.31
C MET B 144 28.85 -27.49 -8.64
N GLY B 145 28.31 -26.89 -9.69
CA GLY B 145 28.87 -26.97 -11.04
C GLY B 145 27.90 -26.56 -12.12
N PHE B 146 28.17 -26.97 -13.35
CA PHE B 146 27.28 -26.71 -14.49
C PHE B 146 26.64 -27.99 -15.00
N GLY B 147 25.36 -28.16 -14.66
CA GLY B 147 24.61 -29.36 -15.04
C GLY B 147 24.30 -29.45 -16.52
N ALA B 148 24.50 -30.63 -17.08
CA ALA B 148 24.11 -30.96 -18.45
C ALA B 148 23.46 -32.35 -18.47
N LEU B 149 22.82 -32.73 -19.58
CA LEU B 149 22.10 -34.01 -19.62
C LEU B 149 22.86 -35.10 -20.38
N GLN B 150 23.01 -36.25 -19.72
CA GLN B 150 23.65 -37.44 -20.31
C GLN B 150 22.58 -38.30 -20.99
N ASP B 151 21.47 -38.49 -20.28
CA ASP B 151 20.25 -39.08 -20.85
C ASP B 151 19.03 -38.60 -20.05
N ALA B 152 17.94 -39.38 -20.08
CA ALA B 152 16.72 -39.03 -19.37
C ALA B 152 16.76 -39.27 -17.85
N HIS B 153 17.73 -40.04 -17.38
CA HIS B 153 17.81 -40.42 -15.97
C HIS B 153 19.16 -40.07 -15.36
N THR B 154 20.02 -39.42 -16.14
CA THR B 154 21.40 -39.11 -15.73
C THR B 154 21.80 -37.66 -15.96
N VAL B 155 22.11 -36.96 -14.87
CA VAL B 155 22.58 -35.57 -14.92
C VAL B 155 24.07 -35.51 -14.61
N VAL B 156 24.82 -34.85 -15.48
CA VAL B 156 26.26 -34.70 -15.30
C VAL B 156 26.57 -33.31 -14.77
N VAL B 157 27.49 -33.23 -13.82
CA VAL B 157 27.93 -31.95 -13.26
C VAL B 157 29.36 -31.66 -13.69
N ARG B 158 29.54 -30.55 -14.41
CA ARG B 158 30.86 -30.16 -14.93
C ARG B 158 31.38 -28.93 -14.18
N LYS B 159 32.67 -28.66 -14.29
CA LYS B 159 33.23 -27.44 -13.72
C LYS B 159 33.27 -26.27 -14.73
N SER B 160 32.68 -26.48 -15.90
CA SER B 160 32.56 -25.45 -16.92
C SER B 160 31.31 -25.66 -17.78
N GLU B 161 30.89 -24.60 -18.47
CA GLU B 161 29.88 -24.71 -19.53
C GLU B 161 30.52 -25.44 -20.73
N ASP B 162 31.85 -25.29 -20.85
CA ASP B 162 32.67 -26.08 -21.74
C ASP B 162 32.39 -27.57 -21.48
N PRO B 163 31.95 -28.32 -22.53
CA PRO B 163 31.66 -29.75 -22.37
C PRO B 163 32.92 -30.60 -22.27
N HIS B 164 34.05 -30.01 -22.63
CA HIS B 164 35.36 -30.66 -22.50
C HIS B 164 35.97 -30.40 -21.12
N SER B 165 35.16 -29.84 -20.21
CA SER B 165 35.61 -29.64 -18.83
C SER B 165 35.52 -30.94 -18.05
N ASP B 166 35.93 -30.88 -16.79
CA ASP B 166 36.02 -32.06 -15.96
C ASP B 166 34.66 -32.55 -15.42
N VAL B 167 34.48 -33.87 -15.46
CA VAL B 167 33.32 -34.53 -14.93
C VAL B 167 33.46 -34.54 -13.42
N LEU B 168 32.68 -33.70 -12.74
CA LEU B 168 32.83 -33.52 -11.29
C LEU B 168 31.92 -34.44 -10.46
N GLU B 169 30.74 -34.74 -10.99
CA GLU B 169 29.78 -35.66 -10.38
C GLU B 169 28.89 -36.22 -11.48
N THR B 170 28.22 -37.35 -11.19
CA THR B 170 27.24 -37.93 -12.12
C THR B 170 26.07 -38.51 -11.32
N LEU B 171 24.89 -37.92 -11.49
CA LEU B 171 23.76 -38.17 -10.60
C LEU B 171 22.65 -39.03 -11.21
N ASP B 172 22.35 -40.13 -10.52
CA ASP B 172 21.38 -41.10 -10.98
C ASP B 172 20.00 -40.78 -10.39
N THR B 173 19.13 -40.17 -11.20
CA THR B 173 17.84 -39.69 -10.68
C THR B 173 16.59 -40.17 -11.44
N GLU B 174 15.47 -40.24 -10.72
CA GLU B 174 14.18 -40.57 -11.31
C GLU B 174 13.55 -39.37 -12.05
N TYR B 175 13.74 -38.17 -11.50
CA TYR B 175 13.19 -36.95 -12.10
C TYR B 175 14.24 -35.84 -12.22
N ILE B 176 14.14 -35.07 -13.30
CA ILE B 176 14.96 -33.87 -13.49
C ILE B 176 14.02 -32.66 -13.61
N LEU B 177 14.41 -31.55 -12.98
CA LEU B 177 13.67 -30.29 -13.10
C LEU B 177 14.61 -29.14 -13.47
N ILE B 178 14.32 -28.48 -14.58
CA ILE B 178 15.21 -27.43 -15.10
C ILE B 178 14.77 -26.05 -14.67
N ALA B 179 15.48 -25.50 -13.68
CA ALA B 179 15.17 -24.18 -13.16
C ALA B 179 16.35 -23.25 -13.36
N THR B 180 16.93 -23.30 -14.56
CA THR B 180 18.09 -22.47 -14.88
C THR B 180 17.70 -21.01 -15.19
N GLY B 181 16.40 -20.80 -15.45
CA GLY B 181 15.86 -19.47 -15.67
C GLY B 181 16.27 -18.79 -16.97
N SER B 182 16.78 -17.57 -16.84
CA SER B 182 17.08 -16.73 -18.01
C SER B 182 18.43 -16.04 -17.88
N TRP B 183 18.76 -15.21 -18.87
CA TRP B 183 20.10 -14.61 -19.01
C TRP B 183 20.02 -13.40 -19.96
N PRO B 184 20.65 -12.26 -19.59
CA PRO B 184 20.59 -11.02 -20.36
C PRO B 184 20.84 -11.19 -21.86
N THR B 185 19.99 -10.56 -22.67
CA THR B 185 20.22 -10.46 -24.12
C THR B 185 21.09 -9.24 -24.41
N ARG B 186 22.22 -9.49 -25.07
CA ARG B 186 23.02 -8.40 -25.62
C ARG B 186 22.57 -8.17 -27.07
N LEU B 187 22.86 -7.00 -27.61
CA LEU B 187 22.57 -6.74 -29.02
C LEU B 187 23.85 -6.76 -29.85
N GLY B 188 23.76 -7.34 -31.04
CA GLY B 188 24.92 -7.51 -31.91
C GLY B 188 25.32 -6.22 -32.62
N VAL B 189 26.23 -5.47 -32.00
CA VAL B 189 26.82 -4.28 -32.64
C VAL B 189 28.25 -4.05 -32.16
N PRO B 190 29.06 -3.38 -33.00
CA PRO B 190 30.34 -2.81 -32.59
C PRO B 190 30.28 -2.19 -31.19
N GLY B 191 31.11 -2.72 -30.30
CA GLY B 191 31.22 -2.22 -28.93
C GLY B 191 30.26 -2.85 -27.95
N ASP B 192 29.54 -3.88 -28.38
CA ASP B 192 28.57 -4.58 -27.55
C ASP B 192 29.16 -5.00 -26.20
N GLU B 193 30.41 -5.46 -26.25
CA GLU B 193 31.14 -5.90 -25.06
C GLU B 193 31.56 -4.75 -24.12
N PHE B 194 31.47 -3.51 -24.61
CA PHE B 194 31.84 -2.33 -23.81
C PHE B 194 30.74 -1.92 -22.83
N CYS B 195 29.56 -2.49 -23.00
CA CYS B 195 28.40 -2.19 -22.17
C CYS B 195 28.39 -3.00 -20.88
N ILE B 196 27.47 -2.66 -19.99
CA ILE B 196 27.17 -3.49 -18.82
C ILE B 196 25.72 -3.96 -18.91
N THR B 197 25.33 -4.92 -18.07
CA THR B 197 23.94 -5.39 -18.03
C THR B 197 23.36 -5.31 -16.62
N SER B 198 22.13 -5.80 -16.48
CA SER B 198 21.49 -5.95 -15.19
C SER B 198 22.49 -6.44 -14.16
N ASN B 199 23.23 -7.49 -14.53
CA ASN B 199 24.17 -8.16 -13.63
C ASN B 199 25.33 -7.31 -13.10
N GLU B 200 26.13 -6.74 -14.00
CA GLU B 200 27.32 -5.97 -13.61
C GLU B 200 26.94 -4.66 -12.94
N ALA B 201 25.75 -4.17 -13.26
CA ALA B 201 25.22 -2.95 -12.68
C ALA B 201 25.31 -3.01 -11.17
N PHE B 202 24.97 -4.18 -10.62
CA PHE B 202 24.95 -4.41 -9.18
C PHE B 202 26.32 -4.35 -8.49
N TYR B 203 27.41 -4.37 -9.27
CA TYR B 203 28.76 -4.38 -8.70
C TYR B 203 29.63 -3.21 -9.16
N LEU B 204 29.02 -2.24 -9.83
CA LEU B 204 29.71 -1.01 -10.23
C LEU B 204 30.46 -0.38 -9.07
N GLU B 205 31.77 -0.22 -9.26
CA GLU B 205 32.68 0.38 -8.29
C GLU B 205 32.11 1.69 -7.77
N ASP B 206 31.83 2.60 -8.71
CA ASP B 206 31.33 3.92 -8.35
C ASP B 206 30.08 4.37 -9.11
N ALA B 207 29.39 5.36 -8.54
CA ALA B 207 28.15 5.91 -9.09
C ALA B 207 28.39 6.62 -10.43
N PRO B 208 27.80 6.11 -11.53
CA PRO B 208 28.03 6.69 -12.85
C PRO B 208 27.45 8.10 -13.06
N LYS B 209 28.33 9.07 -13.31
CA LYS B 209 27.93 10.46 -13.55
C LYS B 209 27.10 10.56 -14.83
N ARG B 210 27.73 10.34 -15.98
CA ARG B 210 27.04 10.38 -17.25
C ARG B 210 26.59 8.98 -17.65
N MET B 211 25.27 8.75 -17.58
CA MET B 211 24.70 7.40 -17.65
C MET B 211 23.68 7.20 -18.76
N LEU B 212 23.77 6.09 -19.48
CA LEU B 212 22.79 5.74 -20.48
C LEU B 212 22.19 4.35 -20.27
N CYS B 213 20.88 4.29 -20.10
CA CYS B 213 20.15 3.03 -20.03
C CYS B 213 19.50 2.77 -21.37
N VAL B 214 19.61 1.53 -21.85
CA VAL B 214 19.15 1.19 -23.19
C VAL B 214 17.99 0.20 -23.16
N GLY B 215 16.96 0.50 -23.95
CA GLY B 215 15.75 -0.32 -23.98
C GLY B 215 14.63 0.25 -23.12
N GLY B 216 13.46 -0.38 -23.16
CA GLY B 216 12.31 0.12 -22.44
C GLY B 216 11.56 -0.99 -21.72
N GLY B 217 12.30 -1.73 -20.90
CA GLY B 217 11.71 -2.83 -20.12
C GLY B 217 11.82 -2.59 -18.63
N TYR B 218 11.09 -3.39 -17.85
CA TYR B 218 11.12 -3.33 -16.39
C TYR B 218 12.47 -2.85 -15.88
N ILE B 219 13.51 -3.63 -16.15
CA ILE B 219 14.86 -3.35 -15.63
C ILE B 219 15.51 -2.11 -16.24
N ALA B 220 15.22 -1.83 -17.51
CA ALA B 220 15.70 -0.61 -18.12
C ALA B 220 15.22 0.59 -17.29
N VAL B 221 13.94 0.56 -16.95
CA VAL B 221 13.28 1.66 -16.27
C VAL B 221 13.61 1.68 -14.78
N GLU B 222 13.40 0.56 -14.12
CA GLU B 222 13.66 0.47 -12.69
C GLU B 222 15.04 1.01 -12.41
N PHE B 223 16.01 0.59 -13.22
CA PHE B 223 17.41 0.98 -13.05
C PHE B 223 17.65 2.45 -13.37
N ALA B 224 17.02 2.93 -14.42
CA ALA B 224 17.08 4.35 -14.74
C ALA B 224 16.81 5.13 -13.47
N GLY B 225 15.71 4.79 -12.80
CA GLY B 225 15.36 5.37 -11.52
C GLY B 225 16.47 5.32 -10.50
N ILE B 226 17.19 4.20 -10.43
CA ILE B 226 18.24 3.99 -9.42
C ILE B 226 19.43 4.94 -9.56
N PHE B 227 20.01 4.97 -10.76
CA PHE B 227 21.16 5.83 -11.04
C PHE B 227 20.80 7.30 -10.91
N ASN B 228 19.58 7.63 -11.33
CA ASN B 228 19.04 8.98 -11.20
C ASN B 228 18.92 9.43 -9.76
N GLY B 229 18.98 8.47 -8.83
CA GLY B 229 18.96 8.77 -7.42
C GLY B 229 20.36 8.92 -6.86
N TYR B 230 21.24 8.02 -7.26
CA TYR B 230 22.61 7.97 -6.76
C TYR B 230 23.63 8.65 -7.66
N LYS B 231 23.15 9.40 -8.65
CA LYS B 231 24.02 10.24 -9.47
C LYS B 231 24.64 11.35 -8.61
N PRO B 232 25.91 11.70 -8.91
CA PRO B 232 26.55 12.78 -8.18
C PRO B 232 26.35 14.10 -8.93
N CYS B 233 26.75 15.21 -8.29
CA CYS B 233 26.57 16.56 -8.85
C CYS B 233 26.87 16.64 -10.35
N GLY B 234 25.95 17.28 -11.08
CA GLY B 234 26.10 17.47 -12.53
C GLY B 234 25.74 16.27 -13.38
N GLY B 235 25.67 15.09 -12.77
CA GLY B 235 25.34 13.86 -13.48
C GLY B 235 23.93 13.83 -14.03
N TYR B 236 23.73 13.02 -15.05
CA TYR B 236 22.42 12.84 -15.68
C TYR B 236 22.19 11.38 -16.07
N VAL B 237 20.94 11.04 -16.37
CA VAL B 237 20.61 9.68 -16.78
C VAL B 237 19.66 9.70 -17.98
N ASP B 238 20.17 9.34 -19.15
CA ASP B 238 19.35 9.24 -20.34
C ASP B 238 18.72 7.86 -20.39
N LEU B 239 17.66 7.73 -21.18
CA LEU B 239 17.06 6.44 -21.45
C LEU B 239 16.60 6.45 -22.88
N CYS B 240 17.16 5.55 -23.68
CA CYS B 240 16.80 5.44 -25.09
C CYS B 240 16.11 4.12 -25.42
N TYR B 241 15.27 4.15 -26.44
CA TYR B 241 14.45 3.02 -26.76
C TYR B 241 14.21 2.91 -28.26
N ARG B 242 14.26 1.69 -28.78
CA ARG B 242 13.96 1.43 -30.18
C ARG B 242 12.59 2.01 -30.58
N GLY B 243 11.54 1.57 -29.88
CA GLY B 243 10.15 1.99 -30.17
C GLY B 243 9.82 3.40 -29.71
N ASP B 244 8.55 3.79 -29.84
CA ASP B 244 8.15 5.18 -29.57
C ASP B 244 7.34 5.42 -28.30
N LEU B 245 7.06 4.36 -27.55
CA LEU B 245 6.44 4.46 -26.21
C LEU B 245 6.97 3.34 -25.31
N ILE B 246 7.49 3.70 -24.13
CA ILE B 246 8.13 2.73 -23.23
C ILE B 246 7.17 1.70 -22.65
N LEU B 247 7.73 0.53 -22.32
CA LEU B 247 7.01 -0.54 -21.66
C LEU B 247 5.77 -0.96 -22.43
N ARG B 248 5.96 -1.57 -23.59
CA ARG B 248 4.81 -2.10 -24.32
C ARG B 248 4.31 -3.34 -23.60
N GLY B 249 3.03 -3.34 -23.25
CA GLY B 249 2.43 -4.44 -22.50
C GLY B 249 1.60 -3.98 -21.31
N PHE B 250 1.76 -2.72 -20.93
CA PHE B 250 0.97 -2.13 -19.84
C PHE B 250 -0.05 -1.15 -20.39
N ASP B 251 -0.92 -0.66 -19.51
CA ASP B 251 -1.94 0.30 -19.90
C ASP B 251 -1.32 1.52 -20.55
N THR B 252 -1.66 1.69 -21.82
CA THR B 252 -1.10 2.70 -22.70
C THR B 252 -1.25 4.14 -22.21
N GLU B 253 -2.03 4.33 -21.15
CA GLU B 253 -2.22 5.63 -20.55
C GLU B 253 -1.33 5.79 -19.32
N VAL B 254 -1.01 4.67 -18.70
CA VAL B 254 -0.06 4.59 -17.62
C VAL B 254 1.34 4.77 -18.19
N ARG B 255 1.57 4.17 -19.36
CA ARG B 255 2.85 4.24 -20.04
C ARG B 255 3.22 5.70 -20.39
N LYS B 256 2.25 6.45 -20.90
CA LYS B 256 2.41 7.86 -21.23
C LYS B 256 2.75 8.67 -19.98
N SER B 257 1.90 8.56 -18.96
CA SER B 257 2.01 9.33 -17.73
C SER B 257 3.28 9.06 -16.94
N LEU B 258 3.85 7.87 -17.11
CA LEU B 258 5.12 7.53 -16.46
C LEU B 258 6.24 8.29 -17.13
N THR B 259 6.29 8.21 -18.46
CA THR B 259 7.28 8.92 -19.24
C THR B 259 7.35 10.38 -18.83
N LYS B 260 6.18 11.01 -18.72
CA LYS B 260 6.09 12.41 -18.32
C LYS B 260 6.70 12.61 -16.93
N GLN B 261 6.32 11.72 -16.00
CA GLN B 261 6.77 11.80 -14.61
C GLN B 261 8.26 11.52 -14.45
N LEU B 262 8.79 10.63 -15.28
CA LEU B 262 10.22 10.38 -15.31
C LEU B 262 10.95 11.60 -15.83
N GLY B 263 10.43 12.18 -16.92
CA GLY B 263 10.99 13.40 -17.49
C GLY B 263 11.12 14.47 -16.44
N ALA B 264 10.02 14.68 -15.70
CA ALA B 264 9.97 15.67 -14.64
C ALA B 264 10.77 15.29 -13.39
N ASN B 265 11.28 14.07 -13.35
CA ASN B 265 12.05 13.58 -12.21
C ASN B 265 13.56 13.70 -12.43
N GLY B 266 13.95 13.95 -13.67
CA GLY B 266 15.35 14.13 -14.03
C GLY B 266 15.84 13.23 -15.15
N ILE B 267 15.00 12.29 -15.56
CA ILE B 267 15.41 11.29 -16.54
C ILE B 267 15.06 11.72 -17.96
N ARG B 268 16.08 11.84 -18.78
CA ARG B 268 15.90 12.25 -20.15
C ARG B 268 15.53 11.04 -21.00
N VAL B 269 14.23 10.86 -21.22
CA VAL B 269 13.72 9.79 -22.06
C VAL B 269 13.92 10.17 -23.51
N ARG B 270 14.29 9.18 -24.32
CA ARG B 270 14.44 9.39 -25.76
C ARG B 270 13.91 8.18 -26.53
N THR B 271 12.86 8.38 -27.30
CA THR B 271 12.23 7.29 -28.05
C THR B 271 12.78 7.24 -29.47
N ASN B 272 12.51 6.13 -30.15
CA ASN B 272 12.95 5.89 -31.53
C ASN B 272 14.46 6.13 -31.73
N LEU B 273 15.25 5.69 -30.76
CA LEU B 273 16.68 5.95 -30.73
C LEU B 273 17.40 4.67 -30.34
N ASN B 274 18.41 4.30 -31.11
CA ASN B 274 19.07 3.02 -30.92
C ASN B 274 20.52 3.04 -31.38
N PRO B 275 21.47 2.79 -30.47
CA PRO B 275 22.90 2.89 -30.80
C PRO B 275 23.39 1.86 -31.83
N THR B 276 24.46 2.23 -32.54
CA THR B 276 25.13 1.35 -33.51
C THR B 276 26.57 1.08 -33.08
N LYS B 277 27.35 2.14 -32.88
CA LYS B 277 28.76 2.00 -32.53
C LYS B 277 29.03 2.40 -31.08
N ILE B 278 29.87 1.62 -30.42
CA ILE B 278 30.43 1.99 -29.12
C ILE B 278 31.95 1.81 -29.15
N THR B 279 32.68 2.86 -28.79
CA THR B 279 34.14 2.85 -28.82
C THR B 279 34.71 3.62 -27.64
N LYS B 280 35.70 3.02 -26.99
CA LYS B 280 36.24 3.55 -25.74
C LYS B 280 37.16 4.76 -25.95
N ASN B 281 37.16 5.65 -24.97
CA ASN B 281 37.99 6.87 -25.01
C ASN B 281 39.29 6.72 -24.26
N GLU B 282 40.17 7.69 -24.44
CA GLU B 282 41.49 7.70 -23.79
C GLU B 282 41.46 8.29 -22.36
N ASP B 283 40.25 8.52 -21.85
CA ASP B 283 40.06 8.83 -20.44
C ASP B 283 39.42 7.62 -19.75
N GLY B 284 38.73 6.79 -20.52
CA GLY B 284 38.10 5.58 -20.00
C GLY B 284 36.58 5.49 -20.19
N SER B 285 35.96 6.61 -20.53
CA SER B 285 34.51 6.64 -20.79
C SER B 285 34.18 5.88 -22.08
N ASN B 286 32.91 5.57 -22.28
CA ASN B 286 32.48 4.91 -23.52
C ASN B 286 31.79 5.90 -24.47
N HIS B 287 31.98 5.70 -25.77
CA HIS B 287 31.46 6.63 -26.77
C HIS B 287 30.37 5.97 -27.62
N VAL B 288 29.28 6.71 -27.86
CA VAL B 288 28.07 6.13 -28.43
C VAL B 288 27.60 6.84 -29.72
N HIS B 289 27.38 6.03 -30.74
CA HIS B 289 26.79 6.47 -32.02
C HIS B 289 25.36 5.94 -32.14
N PHE B 290 24.44 6.83 -32.46
CA PHE B 290 23.00 6.53 -32.41
C PHE B 290 22.32 6.15 -33.74
N ASN B 291 21.04 5.80 -33.66
CA ASN B 291 20.20 5.48 -34.82
C ASN B 291 19.95 6.72 -35.66
N ASP B 292 19.74 7.86 -34.99
CA ASP B 292 19.62 9.16 -35.66
C ASP B 292 20.98 9.63 -36.19
N GLY B 293 22.05 8.99 -35.72
CA GLY B 293 23.40 9.27 -36.19
C GLY B 293 24.08 10.39 -35.43
N THR B 294 23.90 10.41 -34.12
CA THR B 294 24.56 11.40 -33.27
C THR B 294 25.49 10.73 -32.27
N GLU B 295 26.33 11.55 -31.64
CA GLU B 295 27.37 11.04 -30.73
C GLU B 295 27.29 11.66 -29.33
N GLU B 296 27.45 10.81 -28.31
CA GLU B 296 27.55 11.26 -26.92
C GLU B 296 28.51 10.44 -26.07
N ASP B 297 29.01 11.08 -25.02
CA ASP B 297 29.89 10.41 -24.07
C ASP B 297 29.21 10.08 -22.74
N TYR B 298 29.28 8.79 -22.37
CA TYR B 298 28.74 8.28 -21.13
C TYR B 298 29.81 7.51 -20.36
N ASP B 299 29.81 7.68 -19.05
CA ASP B 299 30.71 6.94 -18.17
C ASP B 299 30.39 5.45 -18.23
N GLN B 300 29.10 5.11 -18.26
CA GLN B 300 28.63 3.73 -18.37
C GLN B 300 27.44 3.63 -19.32
N VAL B 301 27.16 2.41 -19.78
CA VAL B 301 26.01 2.18 -20.67
C VAL B 301 25.43 0.76 -20.47
N MET B 302 24.21 0.70 -19.95
CA MET B 302 23.62 -0.57 -19.52
C MET B 302 22.55 -1.11 -20.46
N LEU B 303 22.75 -2.35 -20.91
CA LEU B 303 21.79 -3.02 -21.80
C LEU B 303 20.64 -3.70 -21.05
N ALA B 304 19.41 -3.37 -21.42
CA ALA B 304 18.22 -4.00 -20.86
C ALA B 304 17.30 -4.42 -21.99
N ILE B 305 17.82 -5.31 -22.83
CA ILE B 305 17.21 -5.67 -24.11
C ILE B 305 16.19 -6.80 -23.97
N GLY B 306 16.47 -7.73 -23.06
CA GLY B 306 15.61 -8.89 -22.90
C GLY B 306 16.34 -9.97 -22.14
N ARG B 307 15.63 -11.07 -21.85
CA ARG B 307 16.23 -12.21 -21.18
C ARG B 307 15.85 -13.53 -21.86
N VAL B 308 16.76 -14.04 -22.68
CA VAL B 308 16.62 -15.34 -23.34
C VAL B 308 16.72 -16.48 -22.32
N PRO B 309 15.81 -17.46 -22.38
CA PRO B 309 15.88 -18.61 -21.47
C PRO B 309 17.28 -19.22 -21.48
N ARG B 310 17.76 -19.62 -20.31
CA ARG B 310 19.15 -20.04 -20.12
C ARG B 310 19.35 -21.56 -20.26
N SER B 311 19.18 -22.06 -21.49
CA SER B 311 19.34 -23.48 -21.79
C SER B 311 20.38 -23.71 -22.89
N GLN B 312 21.01 -22.63 -23.30
CA GLN B 312 21.93 -22.62 -24.44
C GLN B 312 23.23 -23.41 -24.21
N ALA B 313 23.32 -24.12 -23.08
CA ALA B 313 24.53 -24.87 -22.73
C ALA B 313 24.25 -26.27 -22.18
N LEU B 314 22.99 -26.62 -22.00
CA LEU B 314 22.62 -27.77 -21.19
C LEU B 314 22.62 -29.11 -21.91
N GLN B 315 22.72 -29.07 -23.24
CA GLN B 315 22.62 -30.28 -24.08
C GLN B 315 21.30 -31.00 -23.84
N LEU B 316 20.20 -30.32 -24.14
CA LEU B 316 18.86 -30.91 -24.06
C LEU B 316 18.65 -31.85 -25.25
N ASP B 317 19.35 -31.55 -26.35
CA ASP B 317 19.35 -32.36 -27.56
C ASP B 317 19.77 -33.80 -27.27
N LYS B 318 20.90 -33.97 -26.58
CA LYS B 318 21.44 -35.29 -26.23
C LYS B 318 20.54 -36.11 -25.30
N ALA B 319 19.38 -35.58 -24.95
CA ALA B 319 18.42 -36.28 -24.11
C ALA B 319 17.01 -36.28 -24.71
N GLY B 320 16.79 -35.43 -25.72
CA GLY B 320 15.50 -35.31 -26.38
C GLY B 320 14.47 -34.45 -25.63
N VAL B 321 14.85 -33.20 -25.39
CA VAL B 321 13.92 -32.21 -24.84
C VAL B 321 13.84 -31.02 -25.81
N ARG B 322 12.64 -30.81 -26.36
CA ARG B 322 12.45 -29.87 -27.46
C ARG B 322 12.50 -28.41 -27.06
N THR B 323 13.48 -27.71 -27.64
CA THR B 323 13.62 -26.27 -27.52
C THR B 323 12.69 -25.59 -28.54
N GLY B 324 12.50 -24.27 -28.41
CA GLY B 324 11.65 -23.52 -29.34
C GLY B 324 12.27 -22.21 -29.80
N LYS B 325 11.52 -21.12 -29.61
CA LYS B 325 12.00 -19.78 -29.91
C LYS B 325 13.02 -19.40 -28.85
N ASN B 326 14.29 -19.37 -29.26
CA ASN B 326 15.42 -19.03 -28.38
C ASN B 326 15.63 -19.96 -27.18
N GLY B 327 15.59 -21.27 -27.45
CA GLY B 327 15.83 -22.28 -26.43
C GLY B 327 14.77 -22.43 -25.35
N ALA B 328 13.69 -21.67 -25.46
CA ALA B 328 12.55 -21.82 -24.57
C ALA B 328 12.16 -23.29 -24.51
N VAL B 329 12.06 -23.84 -23.31
CA VAL B 329 11.72 -25.24 -23.15
C VAL B 329 10.19 -25.43 -23.22
N GLN B 330 9.73 -26.23 -24.20
CA GLN B 330 8.31 -26.52 -24.33
C GLN B 330 7.82 -27.45 -23.22
N VAL B 331 6.77 -27.00 -22.53
CA VAL B 331 6.15 -27.74 -21.46
C VAL B 331 4.65 -27.65 -21.59
N ASP B 332 3.94 -28.62 -21.02
CA ASP B 332 2.49 -28.54 -20.93
C ASP B 332 2.11 -27.64 -19.75
N ALA B 333 0.82 -27.51 -19.48
CA ALA B 333 0.36 -26.66 -18.39
C ALA B 333 0.62 -27.24 -17.00
N TYR B 334 1.27 -28.41 -16.97
CA TYR B 334 1.68 -29.06 -15.72
C TYR B 334 3.20 -29.11 -15.60
N SER B 335 3.87 -28.46 -16.57
CA SER B 335 5.34 -28.26 -16.63
C SER B 335 6.20 -29.44 -17.19
N LYS B 336 5.55 -30.52 -17.61
CA LYS B 336 6.23 -31.68 -18.24
C LYS B 336 6.75 -31.35 -19.62
N THR B 337 7.93 -31.87 -19.94
CA THR B 337 8.59 -31.55 -21.19
C THR B 337 8.32 -32.62 -22.23
N SER B 338 9.22 -32.71 -23.20
CA SER B 338 9.20 -33.73 -24.23
C SER B 338 9.35 -35.14 -23.64
N VAL B 339 9.97 -35.26 -22.47
CA VAL B 339 10.18 -36.56 -21.82
C VAL B 339 9.25 -36.75 -20.61
N ASP B 340 8.86 -37.99 -20.34
CA ASP B 340 7.91 -38.36 -19.27
C ASP B 340 8.35 -38.08 -17.83
N ASN B 341 9.64 -37.84 -17.62
CA ASN B 341 10.20 -37.65 -16.29
C ASN B 341 10.97 -36.33 -16.11
N ILE B 342 11.07 -35.56 -17.19
CA ILE B 342 11.81 -34.30 -17.19
C ILE B 342 10.85 -33.10 -17.22
N TYR B 343 11.17 -32.08 -16.41
CA TYR B 343 10.34 -30.88 -16.31
C TYR B 343 11.19 -29.61 -16.41
N ALA B 344 10.53 -28.48 -16.65
CA ALA B 344 11.18 -27.16 -16.64
C ALA B 344 10.24 -26.11 -16.11
N ILE B 345 10.78 -25.15 -15.35
CA ILE B 345 10.00 -24.07 -14.76
C ILE B 345 10.70 -22.71 -14.82
N GLY B 346 10.02 -21.70 -14.28
CA GLY B 346 10.57 -20.36 -14.15
C GLY B 346 10.71 -19.65 -15.47
N ASP B 347 11.85 -18.99 -15.66
CA ASP B 347 12.08 -18.16 -16.84
C ASP B 347 12.37 -18.98 -18.07
N VAL B 348 12.89 -20.19 -17.88
CA VAL B 348 13.34 -20.99 -19.00
C VAL B 348 12.16 -21.49 -19.86
N THR B 349 10.98 -21.57 -19.25
CA THR B 349 9.75 -22.00 -19.93
C THR B 349 9.20 -20.95 -20.90
N ASN B 350 9.52 -19.70 -20.64
CA ASN B 350 9.13 -18.58 -21.49
C ASN B 350 7.64 -18.18 -21.40
N ARG B 351 6.91 -18.77 -20.44
CA ARG B 351 5.68 -18.13 -19.92
C ARG B 351 6.16 -16.88 -19.17
N VAL B 352 5.29 -15.89 -18.94
CA VAL B 352 5.75 -14.61 -18.36
C VAL B 352 6.47 -14.84 -17.02
N MET B 353 7.71 -14.34 -16.96
CA MET B 353 8.72 -14.78 -15.99
C MET B 353 8.89 -13.90 -14.74
N LEU B 354 8.44 -14.45 -13.61
CA LEU B 354 8.53 -13.77 -12.33
C LEU B 354 8.86 -14.80 -11.25
N THR B 355 9.25 -14.31 -10.07
CA THR B 355 9.58 -15.17 -8.93
C THR B 355 8.39 -16.02 -8.46
N PRO B 356 7.23 -15.39 -8.14
CA PRO B 356 6.14 -16.15 -7.51
C PRO B 356 5.41 -17.09 -8.47
N VAL B 357 5.61 -16.89 -9.77
CA VAL B 357 5.12 -17.78 -10.81
C VAL B 357 5.99 -19.05 -10.86
N ALA B 358 7.31 -18.86 -10.88
CA ALA B 358 8.25 -19.96 -10.77
C ALA B 358 8.00 -20.74 -9.48
N ILE B 359 7.66 -20.01 -8.41
CA ILE B 359 7.34 -20.60 -7.11
C ILE B 359 6.10 -21.49 -7.19
N ASN B 360 5.05 -20.97 -7.83
CA ASN B 360 3.81 -21.72 -8.04
C ASN B 360 4.01 -22.95 -8.96
N GLU B 361 4.69 -22.74 -10.09
CA GLU B 361 5.01 -23.82 -11.03
C GLU B 361 5.80 -24.94 -10.35
N GLY B 362 6.68 -24.55 -9.44
CA GLY B 362 7.51 -25.48 -8.68
C GLY B 362 6.76 -26.24 -7.60
N ALA B 363 5.82 -25.56 -6.93
CA ALA B 363 5.00 -26.21 -5.90
C ALA B 363 3.89 -27.07 -6.51
N ALA B 364 3.39 -26.65 -7.67
CA ALA B 364 2.39 -27.41 -8.42
C ALA B 364 2.99 -28.73 -8.85
N PHE B 365 4.15 -28.65 -9.50
CA PHE B 365 5.02 -29.79 -9.79
C PHE B 365 5.06 -30.82 -8.65
N VAL B 366 5.36 -30.33 -7.45
CA VAL B 366 5.48 -31.18 -6.26
C VAL B 366 4.19 -31.98 -5.95
N GLU B 367 3.05 -31.30 -5.87
CA GLU B 367 1.77 -31.97 -5.65
C GLU B 367 1.45 -32.87 -6.85
N THR B 368 1.78 -32.40 -8.05
CA THR B 368 1.55 -33.16 -9.28
C THR B 368 2.22 -34.54 -9.23
N VAL B 369 3.55 -34.57 -9.17
CA VAL B 369 4.30 -35.83 -9.29
C VAL B 369 4.73 -36.51 -7.98
N PHE B 370 4.60 -35.82 -6.85
CA PHE B 370 4.95 -36.40 -5.56
C PHE B 370 3.79 -36.41 -4.59
N GLY B 371 2.93 -35.40 -4.70
CA GLY B 371 1.74 -35.30 -3.86
C GLY B 371 0.64 -36.23 -4.34
N GLY B 372 0.88 -36.89 -5.47
CA GLY B 372 -0.08 -37.81 -6.07
C GLY B 372 -1.20 -37.06 -6.76
N LYS B 373 -1.86 -36.16 -6.03
CA LYS B 373 -2.92 -35.32 -6.56
C LYS B 373 -2.36 -34.16 -7.41
N PRO B 374 -2.62 -34.20 -8.75
CA PRO B 374 -2.03 -33.29 -9.74
C PRO B 374 -2.53 -31.86 -9.60
N ARG B 375 -1.90 -30.93 -10.31
CA ARG B 375 -2.23 -29.51 -10.18
C ARG B 375 -1.72 -28.66 -11.34
N ALA B 376 -2.53 -27.68 -11.74
CA ALA B 376 -2.18 -26.75 -12.82
C ALA B 376 -1.98 -25.33 -12.31
N THR B 377 -1.22 -24.53 -13.06
CA THR B 377 -0.91 -23.16 -12.65
C THR B 377 -1.71 -22.13 -13.47
N ASP B 378 -2.40 -21.26 -12.75
CA ASP B 378 -3.21 -20.19 -13.37
C ASP B 378 -2.32 -19.04 -13.85
N HIS B 379 -2.07 -18.98 -15.16
CA HIS B 379 -1.14 -18.00 -15.73
C HIS B 379 -1.77 -16.63 -16.01
N THR B 380 -3.08 -16.52 -15.82
CA THR B 380 -3.77 -15.25 -16.04
C THR B 380 -4.37 -14.67 -14.78
N LYS B 381 -4.57 -13.36 -14.81
CA LYS B 381 -4.98 -12.57 -13.65
C LYS B 381 -3.92 -12.64 -12.54
N VAL B 382 -2.66 -12.65 -12.98
CA VAL B 382 -1.50 -12.54 -12.10
C VAL B 382 -1.22 -11.05 -11.90
N ALA B 383 -1.19 -10.64 -10.63
CA ALA B 383 -0.84 -9.27 -10.31
C ALA B 383 0.66 -9.16 -10.25
N CYS B 384 1.24 -8.27 -11.05
CA CYS B 384 2.68 -7.97 -10.97
C CYS B 384 2.91 -6.48 -10.73
N ALA B 385 4.17 -6.08 -10.53
CA ALA B 385 4.49 -4.68 -10.33
C ALA B 385 5.78 -4.25 -11.01
N VAL B 386 5.89 -2.96 -11.31
CA VAL B 386 7.11 -2.39 -11.89
C VAL B 386 7.67 -1.40 -10.90
N PHE B 387 8.83 -1.70 -10.34
CA PHE B 387 9.41 -0.89 -9.27
C PHE B 387 10.19 0.31 -9.79
N SER B 388 9.54 1.04 -10.68
CA SER B 388 10.06 2.28 -11.25
C SER B 388 10.07 3.35 -10.17
N ILE B 389 10.49 4.57 -10.52
CA ILE B 389 10.52 5.66 -9.56
C ILE B 389 9.14 6.10 -9.04
N PRO B 390 8.13 6.24 -9.93
CA PRO B 390 6.80 6.03 -9.36
C PRO B 390 6.34 4.61 -9.71
N PRO B 391 6.13 3.75 -8.69
CA PRO B 391 5.83 2.34 -8.90
C PRO B 391 4.54 2.10 -9.69
N ILE B 392 4.47 0.97 -10.38
CA ILE B 392 3.26 0.57 -11.12
C ILE B 392 2.65 -0.69 -10.54
N GLY B 393 1.34 -0.70 -10.41
CA GLY B 393 0.62 -1.90 -10.00
C GLY B 393 -0.38 -2.26 -11.07
N THR B 394 -0.18 -3.42 -11.71
CA THR B 394 -1.08 -3.88 -12.76
C THR B 394 -1.51 -5.33 -12.55
N CYS B 395 -2.71 -5.65 -13.00
CA CYS B 395 -3.25 -7.00 -12.90
C CYS B 395 -4.39 -7.21 -13.90
N GLY B 396 -4.18 -8.13 -14.85
CA GLY B 396 -5.22 -8.47 -15.81
C GLY B 396 -4.94 -7.96 -17.20
N MET B 397 -6.01 -7.71 -17.95
CA MET B 397 -5.94 -7.35 -19.37
C MET B 397 -5.69 -5.86 -19.62
N THR B 398 -4.90 -5.57 -20.65
CA THR B 398 -4.69 -4.22 -21.13
C THR B 398 -6.01 -3.70 -21.72
N GLU B 399 -6.05 -2.44 -22.13
CA GLU B 399 -7.23 -1.90 -22.82
C GLU B 399 -7.40 -2.54 -24.20
N GLU B 400 -6.30 -2.51 -24.96
CA GLU B 400 -6.24 -2.95 -26.35
C GLU B 400 -6.60 -4.42 -26.53
N GLU B 401 -6.38 -5.19 -25.47
CA GLU B 401 -6.56 -6.63 -25.51
C GLU B 401 -7.99 -7.03 -25.16
N ALA B 402 -8.55 -6.41 -24.13
CA ALA B 402 -9.95 -6.63 -23.76
C ALA B 402 -10.91 -6.06 -24.81
N ALA B 403 -10.46 -5.01 -25.52
CA ALA B 403 -11.22 -4.43 -26.63
C ALA B 403 -11.28 -5.40 -27.82
N LYS B 404 -10.40 -6.40 -27.83
CA LYS B 404 -10.37 -7.38 -28.89
C LYS B 404 -11.27 -8.59 -28.61
N ASN B 405 -10.76 -9.57 -27.88
CA ASN B 405 -11.51 -10.83 -27.72
C ASN B 405 -12.62 -10.83 -26.66
N TYR B 406 -13.03 -9.64 -26.22
CA TYR B 406 -14.29 -9.47 -25.48
C TYR B 406 -15.16 -8.47 -26.22
N GLU B 407 -16.42 -8.86 -26.43
CA GLU B 407 -17.36 -8.12 -27.30
C GLU B 407 -17.50 -6.64 -26.95
N THR B 408 -18.19 -6.35 -25.85
CA THR B 408 -18.41 -4.97 -25.40
C THR B 408 -17.74 -4.72 -24.02
N VAL B 409 -16.92 -3.65 -23.97
CA VAL B 409 -16.11 -3.32 -22.78
C VAL B 409 -16.18 -1.84 -22.37
N ALA B 410 -15.96 -1.58 -21.07
CA ALA B 410 -15.96 -0.23 -20.49
C ALA B 410 -14.58 0.16 -19.96
N VAL B 411 -14.31 1.47 -19.95
CA VAL B 411 -13.07 2.01 -19.40
C VAL B 411 -13.39 2.99 -18.27
N TYR B 412 -12.93 2.65 -17.07
CA TYR B 412 -13.08 3.49 -15.88
C TYR B 412 -11.75 4.13 -15.54
N ALA B 413 -11.68 5.46 -15.59
CA ALA B 413 -10.43 6.15 -15.31
C ALA B 413 -10.63 7.23 -14.26
N SER B 414 -9.54 7.53 -13.54
CA SER B 414 -9.54 8.55 -12.50
C SER B 414 -8.13 8.86 -12.04
N SER B 415 -7.70 10.10 -12.24
CA SER B 415 -6.39 10.53 -11.80
C SER B 415 -6.52 11.70 -10.84
N PHE B 416 -5.86 11.60 -9.70
CA PHE B 416 -5.88 12.66 -8.70
C PHE B 416 -4.47 12.89 -8.21
N THR B 417 -4.22 14.07 -7.65
CA THR B 417 -2.91 14.39 -7.11
C THR B 417 -3.02 14.42 -5.58
N PRO B 418 -2.38 13.45 -4.89
CA PRO B 418 -2.59 13.20 -3.46
C PRO B 418 -2.45 14.42 -2.59
N LEU B 419 -3.10 14.38 -1.43
CA LEU B 419 -3.19 15.48 -0.46
C LEU B 419 -1.87 16.20 -0.19
N MET B 420 -0.84 15.40 0.06
CA MET B 420 0.47 15.91 0.48
C MET B 420 1.25 16.68 -0.59
N HIS B 421 1.09 16.31 -1.86
CA HIS B 421 1.93 16.86 -2.93
C HIS B 421 1.65 18.32 -3.31
N ASN B 422 0.72 18.94 -2.61
CA ASN B 422 0.49 20.38 -2.71
C ASN B 422 1.57 21.09 -1.91
N ILE B 423 2.10 20.37 -0.94
CA ILE B 423 3.11 20.89 -0.02
C ILE B 423 4.52 20.39 -0.39
N SER B 424 4.67 19.09 -0.63
CA SER B 424 5.99 18.49 -0.93
C SER B 424 6.68 19.10 -2.17
N GLY B 425 5.90 19.77 -3.00
CA GLY B 425 6.44 20.47 -4.18
C GLY B 425 6.41 19.61 -5.42
N SER B 426 5.96 18.37 -5.27
CA SER B 426 5.89 17.42 -6.37
C SER B 426 4.47 17.36 -6.92
N LYS B 427 4.01 18.47 -7.48
CA LYS B 427 2.65 18.57 -8.00
C LYS B 427 2.50 17.81 -9.33
N HIS B 428 3.38 16.85 -9.54
CA HIS B 428 3.39 16.05 -10.75
C HIS B 428 3.26 14.56 -10.43
N LYS B 429 3.23 14.24 -9.14
CA LYS B 429 3.15 12.84 -8.68
C LYS B 429 1.69 12.35 -8.59
N GLU B 430 0.94 12.69 -9.64
CA GLU B 430 -0.43 12.28 -9.87
C GLU B 430 -0.60 10.76 -9.82
N PHE B 431 -1.32 10.28 -8.80
CA PHE B 431 -1.71 8.88 -8.70
C PHE B 431 -2.74 8.60 -9.78
N MET B 432 -2.65 7.44 -10.43
CA MET B 432 -3.56 7.09 -11.55
C MET B 432 -4.15 5.70 -11.41
N ILE B 433 -5.43 5.58 -11.74
CA ILE B 433 -6.12 4.29 -11.82
C ILE B 433 -6.89 4.18 -13.14
N ARG B 434 -6.88 3.00 -13.73
CA ARG B 434 -7.85 2.66 -14.77
C ARG B 434 -8.25 1.19 -14.71
N ILE B 435 -9.56 0.97 -14.63
CA ILE B 435 -10.12 -0.37 -14.55
C ILE B 435 -10.79 -0.74 -15.87
N ILE B 436 -10.58 -1.98 -16.30
CA ILE B 436 -11.11 -2.48 -17.56
C ILE B 436 -12.13 -3.60 -17.33
N THR B 437 -13.38 -3.34 -17.75
CA THR B 437 -14.52 -4.23 -17.47
C THR B 437 -15.21 -4.78 -18.71
N ASN B 438 -15.76 -5.99 -18.58
CA ASN B 438 -16.74 -6.54 -19.51
C ASN B 438 -18.05 -5.80 -19.28
N GLU B 439 -18.62 -5.23 -20.34
CA GLU B 439 -19.90 -4.55 -20.24
C GLU B 439 -21.02 -5.54 -19.90
N SER B 440 -21.25 -6.48 -20.81
CA SER B 440 -22.25 -7.54 -20.66
C SER B 440 -22.23 -8.14 -19.25
N ASN B 441 -21.09 -8.72 -18.89
CA ASN B 441 -20.92 -9.39 -17.59
C ASN B 441 -20.88 -8.43 -16.42
N GLY B 442 -20.19 -7.30 -16.60
CA GLY B 442 -19.84 -6.39 -15.49
C GLY B 442 -18.46 -6.73 -14.91
N GLU B 443 -17.90 -7.87 -15.36
CA GLU B 443 -16.65 -8.43 -14.84
C GLU B 443 -15.46 -7.49 -14.94
N VAL B 444 -14.60 -7.53 -13.92
CA VAL B 444 -13.34 -6.78 -13.92
C VAL B 444 -12.22 -7.61 -14.52
N LEU B 445 -11.75 -7.15 -15.68
CA LEU B 445 -10.78 -7.88 -16.51
C LEU B 445 -9.35 -7.38 -16.32
N GLY B 446 -9.21 -6.08 -16.09
CA GLY B 446 -7.89 -5.46 -15.87
C GLY B 446 -7.88 -4.22 -15.00
N VAL B 447 -6.95 -4.18 -14.04
CA VAL B 447 -6.75 -3.02 -13.17
C VAL B 447 -5.32 -2.54 -13.31
N HIS B 448 -5.16 -1.23 -13.50
CA HIS B 448 -3.85 -0.64 -13.70
C HIS B 448 -3.68 0.61 -12.86
N MET B 449 -2.53 0.71 -12.20
CA MET B 449 -2.28 1.82 -11.29
C MET B 449 -0.86 2.35 -11.40
N LEU B 450 -0.73 3.67 -11.34
CA LEU B 450 0.56 4.34 -11.23
C LEU B 450 0.59 5.24 -10.00
N GLY B 451 1.63 5.08 -9.18
CA GLY B 451 1.81 5.90 -8.00
C GLY B 451 2.43 5.16 -6.84
N ASP B 452 2.82 5.91 -5.81
CA ASP B 452 3.38 5.33 -4.60
C ASP B 452 2.35 4.43 -3.95
N SER B 453 2.82 3.35 -3.33
CA SER B 453 1.96 2.33 -2.71
C SER B 453 1.15 1.51 -3.71
N ALA B 454 1.47 1.62 -4.99
CA ALA B 454 0.77 0.85 -6.02
C ALA B 454 1.01 -0.66 -5.94
N PRO B 455 2.27 -1.11 -5.83
CA PRO B 455 2.50 -2.55 -5.73
C PRO B 455 1.81 -3.17 -4.52
N GLU B 456 1.64 -2.38 -3.47
CA GLU B 456 1.02 -2.88 -2.25
C GLU B 456 -0.48 -3.10 -2.44
N ILE B 457 -1.15 -2.08 -2.95
CA ILE B 457 -2.60 -2.14 -3.19
C ILE B 457 -2.97 -3.24 -4.18
N ILE B 458 -2.28 -3.26 -5.33
CA ILE B 458 -2.58 -4.18 -6.43
C ILE B 458 -2.61 -5.66 -6.02
N GLN B 459 -1.83 -6.01 -4.99
CA GLN B 459 -1.75 -7.38 -4.53
C GLN B 459 -3.11 -7.98 -4.18
N SER B 460 -3.86 -7.27 -3.35
CA SER B 460 -5.20 -7.74 -2.96
C SER B 460 -6.21 -7.58 -4.08
N VAL B 461 -5.95 -6.64 -4.99
CA VAL B 461 -6.73 -6.50 -6.21
C VAL B 461 -6.73 -7.81 -7.01
N GLY B 462 -5.58 -8.47 -7.05
CA GLY B 462 -5.43 -9.72 -7.80
C GLY B 462 -6.07 -10.92 -7.13
N ILE B 463 -6.29 -10.82 -5.82
CA ILE B 463 -7.04 -11.83 -5.09
C ILE B 463 -8.52 -11.69 -5.45
N CYS B 464 -8.97 -10.44 -5.56
CA CYS B 464 -10.34 -10.10 -5.95
C CYS B 464 -10.69 -10.53 -7.36
N MET B 465 -9.74 -10.47 -8.27
CA MET B 465 -9.99 -10.77 -9.68
C MET B 465 -9.92 -12.27 -10.03
N LYS B 466 -9.00 -13.00 -9.39
CA LYS B 466 -8.89 -14.47 -9.52
C LYS B 466 -10.15 -15.09 -8.92
N MET B 467 -10.62 -14.44 -7.86
CA MET B 467 -11.88 -14.73 -7.21
C MET B 467 -13.08 -14.40 -8.11
N GLY B 468 -12.83 -13.70 -9.22
CA GLY B 468 -13.88 -13.19 -10.12
C GLY B 468 -14.50 -11.94 -9.52
N ALA B 469 -14.43 -10.82 -10.24
CA ALA B 469 -14.90 -9.56 -9.66
C ALA B 469 -15.64 -8.66 -10.63
N LYS B 470 -16.48 -7.79 -10.08
CA LYS B 470 -17.25 -6.84 -10.87
C LYS B 470 -17.06 -5.41 -10.38
N ILE B 471 -17.19 -4.46 -11.30
CA ILE B 471 -17.11 -3.04 -10.97
C ILE B 471 -18.15 -2.73 -9.88
N SER B 472 -19.27 -3.45 -9.92
CA SER B 472 -20.30 -3.35 -8.89
C SER B 472 -19.81 -3.89 -7.53
N ASP B 473 -18.87 -4.83 -7.57
CA ASP B 473 -18.26 -5.39 -6.36
C ASP B 473 -17.35 -4.39 -5.68
N PHE B 474 -16.76 -3.49 -6.46
CA PHE B 474 -15.90 -2.47 -5.90
C PHE B 474 -16.69 -1.37 -5.22
N HIS B 475 -17.52 -0.66 -5.98
CA HIS B 475 -18.27 0.46 -5.41
C HIS B 475 -19.34 0.06 -4.36
N SER B 476 -19.53 -1.24 -4.14
CA SER B 476 -20.39 -1.72 -3.05
C SER B 476 -19.63 -1.85 -1.72
N THR B 477 -18.32 -1.61 -1.76
CA THR B 477 -17.49 -1.65 -0.57
C THR B 477 -17.23 -0.25 -0.04
N ILE B 478 -17.31 -0.10 1.28
CA ILE B 478 -16.98 1.14 1.98
C ILE B 478 -15.46 1.29 2.03
N GLY B 479 -14.98 2.53 2.14
CA GLY B 479 -13.55 2.83 2.08
C GLY B 479 -12.87 3.14 3.40
N VAL B 480 -11.53 3.17 3.34
CA VAL B 480 -10.67 3.63 4.42
C VAL B 480 -10.21 5.03 4.03
N HIS B 481 -10.64 6.06 4.78
CA HIS B 481 -10.75 7.43 4.22
C HIS B 481 -9.49 8.17 3.71
N PRO B 482 -8.43 8.24 4.53
CA PRO B 482 -7.29 8.97 3.93
C PRO B 482 -6.27 8.05 3.25
N THR B 483 -6.72 7.35 2.18
CA THR B 483 -5.84 6.51 1.38
C THR B 483 -5.96 6.84 -0.11
N SER B 484 -5.14 6.19 -0.92
CA SER B 484 -5.22 6.30 -2.36
C SER B 484 -6.00 5.10 -2.89
N ALA B 485 -5.94 4.00 -2.16
CA ALA B 485 -6.64 2.76 -2.51
C ALA B 485 -8.16 2.85 -2.35
N GLU B 486 -8.64 3.78 -1.51
CA GLU B 486 -10.08 4.03 -1.33
C GLU B 486 -10.77 4.49 -2.62
N GLU B 487 -10.01 5.07 -3.55
CA GLU B 487 -10.56 5.63 -4.77
C GLU B 487 -10.97 4.54 -5.77
N LEU B 488 -10.61 3.30 -5.47
CA LEU B 488 -11.06 2.12 -6.22
C LEU B 488 -12.56 1.92 -6.15
N CYS B 489 -13.12 2.19 -4.97
CA CYS B 489 -14.53 1.93 -4.67
C CYS B 489 -15.42 3.13 -4.95
N SER B 490 -14.88 4.12 -5.64
CA SER B 490 -15.61 5.35 -6.00
C SER B 490 -15.67 5.57 -7.52
N MET B 491 -15.71 4.49 -8.30
CA MET B 491 -15.80 4.61 -9.75
C MET B 491 -17.04 3.96 -10.35
N ARG B 492 -18.04 4.79 -10.65
CA ARG B 492 -19.33 4.37 -11.20
C ARG B 492 -19.50 4.75 -12.67
N THR B 493 -19.26 6.01 -13.00
CA THR B 493 -19.35 6.46 -14.39
C THR B 493 -18.12 5.98 -15.14
N PRO B 494 -18.33 5.28 -16.28
CA PRO B 494 -17.20 4.93 -17.14
C PRO B 494 -16.72 6.15 -17.90
N ALA B 495 -15.43 6.17 -18.24
CA ALA B 495 -14.88 7.28 -19.01
C ALA B 495 -15.21 7.15 -20.50
N TYR B 496 -15.18 5.91 -21.02
CA TYR B 496 -15.61 5.61 -22.40
C TYR B 496 -15.71 4.08 -22.60
N PHE B 497 -15.95 3.66 -23.85
CA PHE B 497 -16.25 2.25 -24.17
C PHE B 497 -15.52 1.66 -25.40
N TYR B 498 -15.47 0.33 -25.47
CA TYR B 498 -15.03 -0.41 -26.67
C TYR B 498 -16.07 -1.42 -27.17
N GLU B 499 -16.93 -0.96 -28.09
CA GLU B 499 -18.04 -1.74 -28.67
C GLU B 499 -17.56 -2.62 -29.84
N SER B 500 -17.16 -3.85 -29.51
CA SER B 500 -16.58 -4.83 -30.46
C SER B 500 -15.27 -4.37 -31.14
N GLY B 501 -14.35 -3.82 -30.33
CA GLY B 501 -13.06 -3.33 -30.80
C GLY B 501 -13.14 -1.97 -31.46
N LYS B 502 -13.83 -1.02 -30.82
CA LYS B 502 -14.06 0.30 -31.40
C LYS B 502 -14.20 1.38 -30.30
N ARG B 503 -13.45 2.48 -30.46
CA ARG B 503 -13.48 3.56 -29.47
C ARG B 503 -14.80 4.35 -29.51
N VAL B 504 -15.68 4.12 -28.53
CA VAL B 504 -16.96 4.86 -28.43
C VAL B 504 -17.20 5.48 -27.04
N GLU B 505 -18.12 6.45 -26.98
CA GLU B 505 -18.56 7.03 -25.70
C GLU B 505 -20.00 6.61 -25.36
N LYS B 506 -20.87 6.56 -26.38
CA LYS B 506 -22.23 6.04 -26.20
C LYS B 506 -22.43 4.65 -26.83
N LEU B 507 -23.61 4.07 -26.59
CA LEU B 507 -23.85 2.63 -26.82
C LEU B 507 -25.27 2.26 -27.33
N SER B 508 -25.45 2.30 -28.66
CA SER B 508 -26.67 1.83 -29.35
C SER B 508 -26.87 2.58 -30.67
#